data_3BZU
#
_entry.id   3BZU
#
_cell.length_a   56.020
_cell.length_b   153.008
_cell.length_c   73.725
_cell.angle_alpha   90.00
_cell.angle_beta   92.16
_cell.angle_gamma   90.00
#
_symmetry.space_group_name_H-M   'P 1 21 1'
#
loop_
_entity.id
_entity.type
_entity.pdbx_description
1 polymer 'Corticosteroid 11-beta-dehydrogenase isozyme 1'
2 non-polymer 'NADP NICOTINAMIDE-ADENINE-DINUCLEOTIDE PHOSPHATE'
3 non-polymer (5S)-2-{[(1S)-1-(2-fluorophenyl)ethyl]amino}-5-methyl-5-(trifluoromethyl)-1,3-thiazol-4(5H)-one
4 water water
#
_entity_poly.entity_id   1
_entity_poly.type   'polypeptide(L)'
_entity_poly.pdbx_seq_one_letter_code
;MKHQHQHQHQHQHQQPLNEEFRPEMLQGKKVIVTGASKGIGREMAYHLAKMGAHVVVTARSKETLQKVVSHCLELGAASA
HYIAGTMEDMTFAEQFVAQAGKLMGGLDMLILNHITNTSLNLFHDDIHHVRKSMEVNFLSYVVLTVAALPMLKQSNGSIV
VVSSLAGKVAYPMVAAYSASKFALDGFFSSIRKEYSVSRVNVSITLCVLGLIDTETAMKAVSGIVHMQAAPKEECALEII
KGGALRQEEVYYDSSLWTTLLIRNPSRKILEFLYSTSYNMDRFINK
;
_entity_poly.pdbx_strand_id   A,B,C,D
#
loop_
_chem_comp.id
_chem_comp.type
_chem_comp.name
_chem_comp.formula
A21 non-polymer (5S)-2-{[(1S)-1-(2-fluorophenyl)ethyl]amino}-5-methyl-5-(trifluoromethyl)-1,3-thiazol-4(5H)-one 'C13 H12 F4 N2 O S'
NAP non-polymer 'NADP NICOTINAMIDE-ADENINE-DINUCLEOTIDE PHOSPHATE' 'C21 H28 N7 O17 P3'
#
# COMPACT_ATOMS: atom_id res chain seq x y z
N GLU A 19 -9.58 -24.26 -11.65
CA GLU A 19 -10.72 -24.59 -12.57
C GLU A 19 -11.89 -23.58 -12.47
N GLU A 20 -12.40 -23.16 -13.63
CA GLU A 20 -13.46 -22.15 -13.75
C GLU A 20 -14.81 -22.57 -13.14
N PHE A 21 -15.75 -21.63 -13.05
CA PHE A 21 -17.09 -21.90 -12.55
C PHE A 21 -17.99 -22.57 -13.59
N ARG A 22 -18.77 -23.54 -13.13
CA ARG A 22 -19.73 -24.30 -13.93
C ARG A 22 -20.98 -24.55 -13.10
N PRO A 23 -22.16 -24.11 -13.59
CA PRO A 23 -23.49 -24.35 -12.99
C PRO A 23 -23.74 -25.73 -12.38
N GLU A 24 -23.05 -26.76 -12.87
CA GLU A 24 -23.22 -28.14 -12.38
C GLU A 24 -22.65 -28.35 -10.96
N MET A 25 -21.84 -27.39 -10.49
CA MET A 25 -21.27 -27.41 -9.14
C MET A 25 -22.34 -27.35 -8.03
N LEU A 26 -23.48 -26.75 -8.33
CA LEU A 26 -24.53 -26.56 -7.36
C LEU A 26 -25.63 -27.61 -7.49
N GLN A 27 -25.59 -28.33 -8.60
CA GLN A 27 -26.55 -29.39 -8.86
C GLN A 27 -26.68 -30.36 -7.69
N GLY A 28 -27.86 -30.37 -7.08
CA GLY A 28 -28.14 -31.25 -5.96
C GLY A 28 -27.34 -30.90 -4.71
N LYS A 29 -26.83 -29.67 -4.62
CA LYS A 29 -26.21 -29.21 -3.38
C LYS A 29 -27.23 -28.67 -2.40
N LYS A 30 -27.02 -29.00 -1.13
CA LYS A 30 -27.92 -28.58 -0.06
C LYS A 30 -27.49 -27.21 0.48
N VAL A 31 -28.32 -26.19 0.23
CA VAL A 31 -27.94 -24.81 0.55
C VAL A 31 -28.94 -24.14 1.46
N ILE A 32 -28.43 -23.31 2.37
CA ILE A 32 -29.27 -22.44 3.18
C ILE A 32 -28.98 -21.03 2.73
N VAL A 33 -30.02 -20.22 2.57
CA VAL A 33 -29.83 -18.80 2.29
C VAL A 33 -30.66 -18.00 3.27
N THR A 34 -30.03 -17.11 4.03
CA THR A 34 -30.80 -16.31 4.97
C THR A 34 -31.19 -14.94 4.35
N GLY A 35 -32.18 -14.24 4.92
CA GLY A 35 -32.73 -13.04 4.27
C GLY A 35 -33.00 -13.31 2.78
N ALA A 36 -33.79 -14.34 2.50
CA ALA A 36 -33.99 -14.83 1.16
C ALA A 36 -35.38 -14.48 0.64
N SER A 37 -36.08 -13.62 1.35
CA SER A 37 -37.43 -13.25 0.94
C SER A 37 -37.45 -12.04 0.00
N LYS A 38 -36.36 -11.27 -0.03
CA LYS A 38 -36.21 -10.19 -1.00
C LYS A 38 -34.75 -9.89 -1.25
N GLY A 39 -34.48 -8.92 -2.13
CA GLY A 39 -33.14 -8.39 -2.37
C GLY A 39 -32.19 -9.45 -2.87
N ILE A 40 -30.92 -9.32 -2.53
CA ILE A 40 -29.89 -10.24 -3.04
C ILE A 40 -30.17 -11.68 -2.60
N GLY A 41 -30.74 -11.84 -1.40
CA GLY A 41 -31.06 -13.15 -0.88
C GLY A 41 -32.05 -13.91 -1.75
N ARG A 42 -33.13 -13.25 -2.14
CA ARG A 42 -34.11 -13.83 -3.03
C ARG A 42 -33.44 -14.23 -4.34
N GLU A 43 -32.71 -13.28 -4.94
CA GLU A 43 -31.95 -13.53 -6.17
C GLU A 43 -31.02 -14.73 -6.09
N MET A 44 -30.31 -14.90 -4.97
CA MET A 44 -29.48 -16.10 -4.76
C MET A 44 -30.31 -17.37 -4.74
N ALA A 45 -31.44 -17.36 -4.03
CA ALA A 45 -32.33 -18.52 -4.01
C ALA A 45 -32.74 -18.97 -5.42
N TYR A 46 -33.03 -18.00 -6.29
CA TYR A 46 -33.45 -18.27 -7.70
C TYR A 46 -32.32 -18.86 -8.56
N HIS A 47 -31.11 -18.35 -8.42
CA HIS A 47 -30.00 -18.90 -9.17
C HIS A 47 -29.78 -20.36 -8.81
N LEU A 48 -29.78 -20.62 -7.50
CA LEU A 48 -29.57 -21.94 -6.95
C LEU A 48 -30.68 -22.87 -7.41
N ALA A 49 -31.91 -22.36 -7.39
CA ALA A 49 -33.07 -23.03 -7.95
C ALA A 49 -32.86 -23.47 -9.40
N LYS A 50 -32.33 -22.57 -10.24
CA LYS A 50 -32.08 -22.86 -11.65
C LYS A 50 -31.04 -23.92 -11.85
N MET A 51 -30.05 -23.97 -10.93
CA MET A 51 -28.94 -24.90 -11.03
C MET A 51 -29.35 -26.24 -10.42
N GLY A 52 -30.55 -26.30 -9.85
CA GLY A 52 -31.11 -27.56 -9.35
C GLY A 52 -30.56 -27.99 -8.01
N ALA A 53 -30.33 -27.02 -7.13
CA ALA A 53 -29.88 -27.29 -5.75
C ALA A 53 -31.10 -27.50 -4.86
N HIS A 54 -30.88 -28.13 -3.70
CA HIS A 54 -31.84 -28.12 -2.61
C HIS A 54 -31.65 -26.80 -1.86
N VAL A 55 -32.70 -26.04 -1.64
CA VAL A 55 -32.57 -24.80 -0.87
C VAL A 55 -33.57 -24.71 0.27
N VAL A 56 -33.13 -24.17 1.41
CA VAL A 56 -34.01 -23.79 2.51
C VAL A 56 -33.78 -22.29 2.68
N VAL A 57 -34.85 -21.52 2.49
CA VAL A 57 -34.78 -20.08 2.62
C VAL A 57 -35.37 -19.64 3.96
N THR A 58 -34.90 -18.54 4.53
CA THR A 58 -35.49 -18.05 5.74
C THR A 58 -35.51 -16.53 5.75
N ALA A 59 -36.36 -15.97 6.62
CA ALA A 59 -36.58 -14.52 6.77
C ALA A 59 -37.69 -14.46 7.80
N ARG A 60 -38.15 -13.26 8.20
CA ARG A 60 -39.27 -13.22 9.15
C ARG A 60 -40.65 -13.49 8.54
N SER A 61 -40.87 -13.08 7.29
CA SER A 61 -42.22 -13.02 6.69
C SER A 61 -42.60 -14.28 5.93
N LYS A 62 -43.49 -15.09 6.49
CA LYS A 62 -43.92 -16.31 5.81
C LYS A 62 -44.58 -16.03 4.45
N GLU A 63 -45.32 -14.93 4.33
CA GLU A 63 -46.03 -14.64 3.08
C GLU A 63 -45.07 -14.49 1.90
N THR A 64 -44.06 -13.64 2.06
CA THR A 64 -43.06 -13.45 1.00
C THR A 64 -42.18 -14.68 0.80
N LEU A 65 -41.94 -15.44 1.87
CA LEU A 65 -41.16 -16.69 1.74
C LEU A 65 -41.92 -17.75 0.91
N GLN A 66 -43.22 -17.86 1.13
CA GLN A 66 -44.06 -18.76 0.32
C GLN A 66 -43.90 -18.54 -1.20
N LYS A 67 -43.85 -17.28 -1.62
CA LYS A 67 -43.60 -16.90 -3.03
C LYS A 67 -42.20 -17.27 -3.53
N VAL A 68 -41.19 -16.95 -2.74
CA VAL A 68 -39.84 -17.35 -3.11
C VAL A 68 -39.80 -18.85 -3.36
N VAL A 69 -40.48 -19.61 -2.50
CA VAL A 69 -40.47 -21.08 -2.62
C VAL A 69 -41.21 -21.59 -3.88
N SER A 70 -42.42 -21.11 -4.14
CA SER A 70 -43.13 -21.57 -5.35
C SER A 70 -42.31 -21.31 -6.60
N HIS A 71 -41.79 -20.09 -6.75
CA HIS A 71 -40.91 -19.74 -7.88
C HIS A 71 -39.66 -20.61 -7.96
N CYS A 72 -39.03 -20.86 -6.82
CA CYS A 72 -37.87 -21.75 -6.81
C CYS A 72 -38.22 -23.10 -7.40
N LEU A 73 -39.40 -23.60 -7.07
CA LEU A 73 -39.89 -24.87 -7.64
C LEU A 73 -40.04 -24.78 -9.17
N GLU A 74 -40.80 -23.78 -9.64
CA GLU A 74 -40.88 -23.44 -11.09
C GLU A 74 -39.53 -23.30 -11.79
N LEU A 75 -38.51 -22.87 -11.06
CA LEU A 75 -37.16 -22.73 -11.64
C LEU A 75 -36.41 -24.02 -11.82
N GLY A 76 -36.89 -25.08 -11.21
CA GLY A 76 -36.24 -26.38 -11.28
C GLY A 76 -35.36 -26.72 -10.10
N ALA A 77 -35.60 -26.09 -8.95
CA ALA A 77 -34.93 -26.48 -7.71
C ALA A 77 -35.22 -27.94 -7.36
N ALA A 78 -34.17 -28.67 -6.96
CA ALA A 78 -34.32 -30.07 -6.59
C ALA A 78 -35.29 -30.21 -5.41
N SER A 79 -35.31 -29.22 -4.52
CA SER A 79 -36.36 -29.04 -3.54
C SER A 79 -36.25 -27.62 -2.99
N ALA A 80 -37.37 -27.04 -2.54
CA ALA A 80 -37.34 -25.73 -1.88
C ALA A 80 -38.32 -25.67 -0.72
N HIS A 81 -37.93 -25.03 0.39
CA HIS A 81 -38.77 -24.92 1.58
C HIS A 81 -38.37 -23.71 2.37
N TYR A 82 -39.24 -23.24 3.25
CA TYR A 82 -38.87 -22.12 4.07
C TYR A 82 -39.10 -22.40 5.52
N ILE A 83 -38.37 -21.68 6.36
CA ILE A 83 -38.62 -21.68 7.77
C ILE A 83 -38.49 -20.23 8.14
N ALA A 84 -39.57 -19.68 8.71
CA ALA A 84 -39.72 -18.30 9.08
C ALA A 84 -39.39 -18.07 10.56
N GLY A 85 -38.73 -16.95 10.82
CA GLY A 85 -38.46 -16.49 12.15
C GLY A 85 -37.46 -15.36 12.12
N THR A 86 -37.24 -14.76 13.28
CA THR A 86 -36.34 -13.64 13.42
C THR A 86 -35.00 -14.07 13.96
N MET A 87 -33.97 -13.50 13.34
CA MET A 87 -32.60 -13.80 13.70
C MET A 87 -32.14 -12.95 14.88
N GLU A 88 -33.06 -12.18 15.47
CA GLU A 88 -32.86 -11.61 16.81
C GLU A 88 -32.91 -12.71 17.89
N ASP A 89 -33.42 -13.86 17.54
CA ASP A 89 -33.64 -14.92 18.51
C ASP A 89 -32.64 -16.01 18.17
N MET A 90 -31.67 -16.19 19.08
CA MET A 90 -30.54 -17.10 18.87
C MET A 90 -30.96 -18.55 19.06
N THR A 91 -32.06 -18.78 19.80
CA THR A 91 -32.69 -20.11 19.81
C THR A 91 -33.25 -20.47 18.41
N PHE A 92 -33.98 -19.52 17.80
CA PHE A 92 -34.48 -19.78 16.43
C PHE A 92 -33.34 -20.05 15.48
N ALA A 93 -32.31 -19.21 15.54
CA ALA A 93 -31.22 -19.36 14.63
C ALA A 93 -30.66 -20.77 14.74
N GLU A 94 -30.33 -21.20 15.97
CA GLU A 94 -29.75 -22.51 16.21
C GLU A 94 -30.68 -23.65 15.78
N GLN A 95 -31.95 -23.52 16.13
CA GLN A 95 -32.95 -24.54 15.78
C GLN A 95 -33.23 -24.60 14.30
N PHE A 96 -33.22 -23.45 13.63
CA PHE A 96 -33.51 -23.39 12.18
C PHE A 96 -32.49 -24.21 11.38
N VAL A 97 -31.22 -24.10 11.74
CA VAL A 97 -30.16 -24.82 11.03
C VAL A 97 -30.29 -26.34 11.16
N ALA A 98 -30.66 -26.80 12.34
CA ALA A 98 -30.94 -28.23 12.58
C ALA A 98 -32.13 -28.72 11.75
N GLN A 99 -33.24 -27.99 11.83
CA GLN A 99 -34.41 -28.31 11.04
C GLN A 99 -34.12 -28.29 9.54
N ALA A 100 -33.52 -27.21 9.05
CA ALA A 100 -33.06 -27.15 7.64
C ALA A 100 -32.18 -28.34 7.25
N GLY A 101 -31.12 -28.59 8.02
CA GLY A 101 -30.21 -29.71 7.75
C GLY A 101 -30.88 -31.09 7.75
N LYS A 102 -31.74 -31.34 8.73
CA LYS A 102 -32.46 -32.62 8.77
C LYS A 102 -33.43 -32.77 7.59
N LEU A 103 -34.13 -31.70 7.24
CA LEU A 103 -35.01 -31.72 6.07
C LEU A 103 -34.26 -32.05 4.78
N MET A 104 -33.04 -31.55 4.66
CA MET A 104 -32.28 -31.77 3.42
C MET A 104 -31.42 -33.03 3.49
N GLY A 105 -31.18 -33.54 4.69
CA GLY A 105 -30.23 -34.65 4.86
C GLY A 105 -28.80 -34.18 4.68
N GLY A 106 -28.46 -33.06 5.34
CA GLY A 106 -27.11 -32.49 5.29
C GLY A 106 -27.11 -31.04 4.80
N LEU A 107 -25.92 -30.53 4.52
CA LEU A 107 -25.71 -29.13 4.14
C LEU A 107 -24.37 -28.97 3.52
N ASP A 108 -24.30 -28.34 2.36
CA ASP A 108 -23.03 -28.13 1.67
C ASP A 108 -22.60 -26.65 1.67
N MET A 109 -23.56 -25.75 1.87
CA MET A 109 -23.27 -24.32 1.80
C MET A 109 -24.27 -23.52 2.61
N LEU A 110 -23.75 -22.61 3.42
CA LEU A 110 -24.54 -21.76 4.25
C LEU A 110 -24.24 -20.34 3.80
N ILE A 111 -25.27 -19.66 3.29
CA ILE A 111 -25.12 -18.28 2.82
C ILE A 111 -25.78 -17.41 3.86
N LEU A 112 -24.95 -16.60 4.51
CA LEU A 112 -25.39 -15.68 5.56
C LEU A 112 -25.51 -14.24 4.97
N ASN A 113 -26.75 -13.74 4.92
CA ASN A 113 -27.13 -12.58 4.07
C ASN A 113 -28.04 -11.57 4.79
N HIS A 114 -28.90 -12.04 5.70
CA HIS A 114 -29.85 -11.15 6.37
C HIS A 114 -29.22 -10.03 7.19
N ILE A 115 -29.95 -8.91 7.30
CA ILE A 115 -29.54 -7.77 8.11
C ILE A 115 -30.80 -7.19 8.76
N THR A 116 -30.63 -6.49 9.85
CA THR A 116 -31.74 -5.87 10.53
C THR A 116 -32.08 -4.59 9.76
N ASN A 117 -33.35 -4.16 9.81
CA ASN A 117 -33.78 -2.99 9.01
C ASN A 117 -32.98 -1.78 9.47
N THR A 118 -32.39 -1.05 8.54
CA THR A 118 -31.61 0.12 8.88
C THR A 118 -31.87 1.30 7.91
N SER A 119 -31.88 2.52 8.44
CA SER A 119 -31.95 3.74 7.60
C SER A 119 -30.63 4.52 7.67
N LEU A 120 -30.39 5.42 6.71
CA LEU A 120 -29.28 6.37 6.84
C LEU A 120 -29.64 7.45 7.82
N ASN A 121 -28.83 7.60 8.87
CA ASN A 121 -28.97 8.70 9.82
C ASN A 121 -27.67 8.89 10.56
N LEU A 122 -27.43 10.11 11.02
CA LEU A 122 -26.35 10.43 11.91
C LEU A 122 -26.59 9.69 13.23
N PHE A 123 -25.57 8.98 13.72
CA PHE A 123 -25.67 8.38 15.03
C PHE A 123 -26.07 9.45 16.02
N HIS A 124 -27.20 9.24 16.68
CA HIS A 124 -27.62 10.07 17.81
C HIS A 124 -27.31 9.45 19.18
N ASP A 125 -28.28 8.72 19.72
CA ASP A 125 -28.19 8.16 21.07
C ASP A 125 -28.67 6.73 20.97
N ASP A 126 -28.90 6.30 19.73
CA ASP A 126 -29.60 5.05 19.42
C ASP A 126 -28.77 3.77 19.69
N ILE A 127 -28.39 3.58 20.96
CA ILE A 127 -27.64 2.40 21.42
C ILE A 127 -28.41 1.12 21.16
N HIS A 128 -29.72 1.14 21.34
CA HIS A 128 -30.54 -0.03 21.06
C HIS A 128 -30.37 -0.48 19.60
N HIS A 129 -30.18 0.46 18.69
CA HIS A 129 -29.95 0.08 17.30
C HIS A 129 -28.54 -0.47 17.00
N VAL A 130 -27.54 0.10 17.65
CA VAL A 130 -26.18 -0.46 17.63
C VAL A 130 -26.21 -1.90 18.10
N ARG A 131 -26.89 -2.13 19.22
CA ARG A 131 -27.00 -3.45 19.82
C ARG A 131 -27.79 -4.41 18.90
N LYS A 132 -28.94 -3.97 18.40
CA LYS A 132 -29.73 -4.80 17.49
C LYS A 132 -28.93 -5.15 16.24
N SER A 133 -28.25 -4.15 15.67
CA SER A 133 -27.32 -4.41 14.54
C SER A 133 -26.29 -5.48 14.86
N MET A 134 -25.59 -5.36 16.00
CA MET A 134 -24.62 -6.39 16.40
C MET A 134 -25.26 -7.77 16.57
N GLU A 135 -26.45 -7.84 17.15
CA GLU A 135 -27.13 -9.14 17.35
C GLU A 135 -27.55 -9.80 16.04
N VAL A 136 -28.27 -9.07 15.19
CA VAL A 136 -28.82 -9.62 13.92
C VAL A 136 -27.72 -9.77 12.86
N ASN A 137 -26.91 -8.74 12.64
CA ASN A 137 -25.95 -8.77 11.53
C ASN A 137 -24.66 -9.56 11.79
N PHE A 138 -24.33 -9.74 13.08
CA PHE A 138 -23.05 -10.34 13.45
C PHE A 138 -23.28 -11.55 14.33
N LEU A 139 -23.90 -11.36 15.50
CA LEU A 139 -24.01 -12.48 16.44
C LEU A 139 -24.77 -13.65 15.88
N SER A 140 -25.91 -13.41 15.20
CA SER A 140 -26.65 -14.53 14.62
C SER A 140 -25.83 -15.37 13.62
N TYR A 141 -24.93 -14.71 12.89
CA TYR A 141 -24.09 -15.39 11.92
C TYR A 141 -23.13 -16.41 12.59
N VAL A 142 -22.52 -15.99 13.69
CA VAL A 142 -21.73 -16.89 14.54
C VAL A 142 -22.57 -18.05 15.05
N VAL A 143 -23.78 -17.76 15.56
CA VAL A 143 -24.65 -18.84 16.06
C VAL A 143 -24.99 -19.81 14.95
N LEU A 144 -25.34 -19.28 13.77
CA LEU A 144 -25.70 -20.13 12.60
C LEU A 144 -24.57 -21.00 12.11
N THR A 145 -23.36 -20.46 12.17
CA THR A 145 -22.13 -21.17 11.81
C THR A 145 -21.85 -22.34 12.77
N VAL A 146 -21.84 -22.06 14.08
CA VAL A 146 -21.72 -23.12 15.09
C VAL A 146 -22.72 -24.26 14.87
N ALA A 147 -23.98 -23.92 14.66
CA ALA A 147 -25.03 -24.91 14.43
C ALA A 147 -24.79 -25.75 13.17
N ALA A 148 -24.03 -25.19 12.24
CA ALA A 148 -23.88 -25.79 10.92
C ALA A 148 -22.55 -26.48 10.72
N LEU A 149 -21.55 -26.08 11.50
CA LEU A 149 -20.20 -26.59 11.29
C LEU A 149 -20.12 -28.13 11.20
N PRO A 150 -20.77 -28.87 12.12
CA PRO A 150 -20.71 -30.35 11.99
C PRO A 150 -21.20 -30.86 10.64
N MET A 151 -22.36 -30.39 10.17
CA MET A 151 -22.83 -30.79 8.84
C MET A 151 -21.90 -30.34 7.72
N LEU A 152 -21.34 -29.14 7.85
CA LEU A 152 -20.37 -28.64 6.88
C LEU A 152 -19.05 -29.38 6.91
N LYS A 153 -18.59 -29.82 8.08
CA LYS A 153 -17.34 -30.61 8.14
C LYS A 153 -17.49 -31.92 7.38
N GLN A 154 -18.67 -32.55 7.54
CA GLN A 154 -19.01 -33.78 6.84
C GLN A 154 -19.01 -33.69 5.32
N SER A 155 -19.35 -32.52 4.80
CA SER A 155 -19.51 -32.37 3.37
C SER A 155 -18.35 -31.62 2.80
N ASN A 156 -17.42 -31.24 3.68
CA ASN A 156 -16.32 -30.34 3.33
C ASN A 156 -16.89 -29.08 2.65
N GLY A 157 -17.91 -28.50 3.29
CA GLY A 157 -18.76 -27.49 2.65
C GLY A 157 -18.19 -26.08 2.74
N SER A 158 -19.04 -25.07 2.58
CA SER A 158 -18.55 -23.71 2.64
C SER A 158 -19.51 -22.74 3.30
N ILE A 159 -18.95 -21.66 3.83
CA ILE A 159 -19.70 -20.62 4.54
C ILE A 159 -19.49 -19.36 3.73
N VAL A 160 -20.60 -18.68 3.38
CA VAL A 160 -20.55 -17.43 2.64
C VAL A 160 -21.13 -16.32 3.52
N VAL A 161 -20.34 -15.27 3.70
CA VAL A 161 -20.72 -14.16 4.56
C VAL A 161 -20.86 -12.89 3.68
N VAL A 162 -22.04 -12.28 3.69
CA VAL A 162 -22.28 -11.15 2.78
C VAL A 162 -22.02 -9.86 3.54
N SER A 163 -21.10 -9.04 3.00
CA SER A 163 -20.65 -7.86 3.71
C SER A 163 -20.66 -6.70 2.70
N SER A 164 -20.00 -5.58 3.03
CA SER A 164 -20.26 -4.33 2.33
C SER A 164 -18.99 -3.54 2.16
N LEU A 165 -19.06 -2.42 1.44
CA LEU A 165 -17.88 -1.55 1.32
C LEU A 165 -17.68 -0.88 2.67
N ALA A 166 -18.80 -0.53 3.30
CA ALA A 166 -18.80 0.01 4.66
C ALA A 166 -18.39 -1.04 5.74
N GLY A 167 -18.11 -2.27 5.37
CA GLY A 167 -17.45 -3.17 6.31
C GLY A 167 -15.98 -3.31 5.99
N LYS A 168 -15.43 -2.31 5.29
CA LYS A 168 -14.02 -2.26 4.89
C LYS A 168 -13.47 -0.86 5.02
N VAL A 169 -14.35 0.16 4.91
CA VAL A 169 -13.91 1.55 5.02
C VAL A 169 -14.98 2.28 5.78
N ALA A 170 -14.67 3.52 6.16
CA ALA A 170 -15.57 4.32 6.98
C ALA A 170 -16.50 5.15 6.10
N TYR A 171 -17.77 5.14 6.47
CA TYR A 171 -18.81 5.90 5.78
C TYR A 171 -19.73 6.52 6.81
N PRO A 172 -20.02 7.81 6.68
CA PRO A 172 -21.01 8.44 7.55
C PRO A 172 -22.43 7.92 7.29
N MET A 173 -23.32 8.04 8.27
CA MET A 173 -24.73 7.68 8.08
C MET A 173 -25.04 6.21 8.39
N VAL A 174 -23.99 5.39 8.47
CA VAL A 174 -24.11 3.94 8.64
C VAL A 174 -23.22 3.40 9.79
N ALA A 175 -23.09 4.10 10.90
CA ALA A 175 -22.11 3.69 11.91
C ALA A 175 -22.39 2.36 12.62
N ALA A 176 -23.63 2.12 13.06
CA ALA A 176 -24.02 0.82 13.68
C ALA A 176 -23.83 -0.28 12.70
N TYR A 177 -24.20 -0.04 11.44
CA TYR A 177 -24.17 -1.06 10.42
C TYR A 177 -22.75 -1.35 9.99
N SER A 178 -21.89 -0.32 9.98
CA SER A 178 -20.47 -0.56 9.65
C SER A 178 -19.75 -1.36 10.77
N ALA A 179 -20.00 -1.01 12.03
CA ALA A 179 -19.48 -1.75 13.18
C ALA A 179 -19.73 -3.24 13.05
N SER A 180 -20.93 -3.62 12.64
CA SER A 180 -21.31 -5.03 12.58
C SER A 180 -20.72 -5.79 11.42
N LYS A 181 -20.54 -5.10 10.29
CA LYS A 181 -19.91 -5.68 9.09
C LYS A 181 -18.38 -5.78 9.24
N PHE A 182 -17.74 -4.77 9.81
CA PHE A 182 -16.32 -4.85 10.25
C PHE A 182 -16.12 -6.06 11.21
N ALA A 183 -16.99 -6.20 12.22
CA ALA A 183 -16.93 -7.36 13.14
C ALA A 183 -17.00 -8.73 12.43
N LEU A 184 -17.77 -8.81 11.35
CA LEU A 184 -17.84 -10.04 10.52
C LEU A 184 -16.47 -10.40 9.91
N ASP A 185 -15.75 -9.40 9.42
CA ASP A 185 -14.48 -9.57 8.72
C ASP A 185 -13.47 -10.03 9.79
N GLY A 186 -13.45 -9.31 10.90
CA GLY A 186 -12.66 -9.66 12.08
C GLY A 186 -12.87 -11.07 12.60
N PHE A 187 -14.13 -11.44 12.82
CA PHE A 187 -14.42 -12.78 13.34
C PHE A 187 -14.12 -13.91 12.40
N PHE A 188 -14.68 -13.82 11.21
CA PHE A 188 -14.57 -14.85 10.19
C PHE A 188 -13.19 -14.96 9.53
N SER A 189 -12.47 -13.85 9.42
CA SER A 189 -11.13 -13.94 8.86
C SER A 189 -10.16 -14.61 9.87
N SER A 190 -10.37 -14.37 11.16
CA SER A 190 -9.61 -15.03 12.21
C SER A 190 -9.88 -16.53 12.26
N ILE A 191 -11.15 -16.94 12.27
CA ILE A 191 -11.46 -18.39 12.23
C ILE A 191 -11.08 -19.11 10.94
N ARG A 192 -11.00 -18.38 9.82
CA ARG A 192 -10.49 -18.98 8.58
C ARG A 192 -9.02 -19.41 8.77
N LYS A 193 -8.22 -18.57 9.41
CA LYS A 193 -6.84 -18.91 9.76
C LYS A 193 -6.80 -20.09 10.74
N GLU A 194 -7.66 -20.03 11.75
CA GLU A 194 -7.82 -21.15 12.67
C GLU A 194 -8.15 -22.47 11.97
N TYR A 195 -9.06 -22.42 10.99
CA TYR A 195 -9.46 -23.61 10.23
C TYR A 195 -8.34 -24.19 9.39
N SER A 196 -7.51 -23.32 8.81
CA SER A 196 -6.46 -23.80 7.91
C SER A 196 -5.32 -24.50 8.64
N VAL A 197 -5.16 -24.23 9.94
CA VAL A 197 -4.18 -24.94 10.76
C VAL A 197 -4.79 -26.16 11.47
N SER A 198 -6.08 -26.09 11.83
CA SER A 198 -6.78 -27.22 12.46
C SER A 198 -7.18 -28.25 11.41
N ARG A 199 -6.86 -27.95 10.15
CA ARG A 199 -7.32 -28.72 8.99
C ARG A 199 -8.83 -29.05 8.99
N VAL A 200 -9.65 -28.01 9.17
CA VAL A 200 -11.10 -28.08 8.90
C VAL A 200 -11.31 -27.69 7.43
N ASN A 201 -11.84 -28.61 6.62
CA ASN A 201 -12.04 -28.39 5.19
C ASN A 201 -13.38 -27.68 4.89
N VAL A 202 -13.59 -26.54 5.55
CA VAL A 202 -14.75 -25.69 5.33
C VAL A 202 -14.26 -24.31 4.88
N SER A 203 -14.65 -23.89 3.69
CA SER A 203 -14.17 -22.58 3.24
C SER A 203 -15.05 -21.47 3.79
N ILE A 204 -14.46 -20.29 3.90
CA ILE A 204 -15.14 -19.12 4.37
C ILE A 204 -14.88 -18.04 3.34
N THR A 205 -15.97 -17.55 2.74
CA THR A 205 -15.91 -16.51 1.70
C THR A 205 -16.59 -15.25 2.22
N LEU A 206 -15.84 -14.15 2.26
CA LEU A 206 -16.37 -12.84 2.58
C LEU A 206 -16.72 -12.05 1.28
N CYS A 207 -17.95 -11.54 1.20
CA CYS A 207 -18.38 -10.79 0.02
C CYS A 207 -18.44 -9.32 0.35
N VAL A 208 -17.70 -8.51 -0.41
CA VAL A 208 -17.69 -7.08 -0.17
C VAL A 208 -18.44 -6.35 -1.31
N LEU A 209 -19.63 -5.86 -0.98
CA LEU A 209 -20.54 -5.33 -1.98
C LEU A 209 -20.66 -3.82 -1.89
N GLY A 210 -20.60 -3.16 -3.06
CA GLY A 210 -21.00 -1.77 -3.18
C GLY A 210 -22.51 -1.64 -3.34
N LEU A 211 -22.96 -0.47 -3.78
CA LEU A 211 -24.41 -0.22 -3.92
C LEU A 211 -25.05 -1.21 -4.88
N ILE A 212 -26.07 -1.93 -4.39
CA ILE A 212 -26.81 -2.90 -5.19
C ILE A 212 -28.26 -2.49 -5.22
N ASP A 213 -28.88 -2.62 -6.40
CA ASP A 213 -30.21 -2.06 -6.70
C ASP A 213 -31.40 -2.83 -6.10
N THR A 214 -31.37 -3.06 -4.79
CA THR A 214 -32.43 -3.81 -4.11
C THR A 214 -33.41 -2.77 -3.63
N GLU A 215 -34.66 -3.17 -3.54
CA GLU A 215 -35.71 -2.26 -3.10
C GLU A 215 -35.29 -1.43 -1.90
N THR A 216 -34.94 -2.09 -0.80
CA THR A 216 -34.59 -1.38 0.46
C THR A 216 -33.35 -0.48 0.36
N ALA A 217 -32.30 -0.94 -0.33
CA ALA A 217 -31.14 -0.08 -0.54
C ALA A 217 -31.58 1.18 -1.28
N MET A 218 -32.26 1.00 -2.40
CA MET A 218 -32.72 2.14 -3.18
C MET A 218 -33.60 3.10 -2.40
N LYS A 219 -34.53 2.58 -1.60
CA LYS A 219 -35.35 3.44 -0.71
C LYS A 219 -34.57 4.09 0.43
N ALA A 220 -33.48 3.45 0.86
CA ALA A 220 -32.70 3.97 1.97
C ALA A 220 -31.72 5.05 1.52
N VAL A 221 -31.05 4.81 0.39
CA VAL A 221 -29.99 5.72 -0.04
C VAL A 221 -30.45 6.79 -1.03
N SER A 222 -31.24 6.38 -2.04
CA SER A 222 -31.70 7.26 -3.17
C SER A 222 -32.01 8.71 -2.80
N GLY A 223 -32.42 8.92 -1.55
CA GLY A 223 -32.60 10.25 -0.97
C GLY A 223 -31.30 11.02 -0.83
N ILE A 224 -30.47 10.57 0.12
CA ILE A 224 -29.19 11.22 0.43
C ILE A 224 -28.21 11.07 -0.74
N VAL A 225 -27.19 10.24 -0.56
CA VAL A 225 -26.13 10.06 -1.56
C VAL A 225 -26.71 9.75 -2.93
N HIS A 226 -25.82 9.69 -3.92
CA HIS A 226 -26.07 8.75 -4.99
C HIS A 226 -24.97 8.49 -5.99
N MET A 227 -24.92 7.21 -6.37
CA MET A 227 -23.87 6.59 -7.14
C MET A 227 -24.57 5.48 -7.89
N GLN A 228 -23.87 4.82 -8.81
CA GLN A 228 -24.51 3.79 -9.62
C GLN A 228 -24.62 2.42 -8.93
N ALA A 229 -25.86 1.97 -8.75
CA ALA A 229 -26.17 0.67 -8.17
C ALA A 229 -26.04 -0.42 -9.19
N ALA A 230 -25.31 -1.47 -8.82
CA ALA A 230 -25.13 -2.63 -9.67
C ALA A 230 -26.41 -3.48 -9.64
N PRO A 231 -26.58 -4.38 -10.62
CA PRO A 231 -27.77 -5.21 -10.64
C PRO A 231 -27.73 -6.33 -9.60
N LYS A 232 -28.81 -6.43 -8.82
CA LYS A 232 -28.93 -7.46 -7.79
C LYS A 232 -28.79 -8.87 -8.34
N GLU A 233 -29.29 -9.11 -9.54
CA GLU A 233 -29.19 -10.44 -10.11
C GLU A 233 -27.74 -10.91 -10.42
N GLU A 234 -26.88 -9.99 -10.85
CA GLU A 234 -25.46 -10.34 -11.17
C GLU A 234 -24.66 -10.50 -9.86
N CYS A 235 -24.87 -9.55 -8.94
CA CYS A 235 -24.41 -9.62 -7.57
C CYS A 235 -24.62 -11.01 -6.98
N ALA A 236 -25.89 -11.40 -6.87
CA ALA A 236 -26.28 -12.69 -6.31
C ALA A 236 -25.48 -13.81 -6.94
N LEU A 237 -25.41 -13.81 -8.27
CA LEU A 237 -24.66 -14.84 -9.00
C LEU A 237 -23.16 -14.81 -8.66
N GLU A 238 -22.59 -13.62 -8.50
CA GLU A 238 -21.16 -13.52 -8.20
C GLU A 238 -20.84 -14.02 -6.78
N ILE A 239 -21.79 -13.86 -5.85
CA ILE A 239 -21.68 -14.39 -4.49
C ILE A 239 -21.62 -15.92 -4.49
N ILE A 240 -22.59 -16.56 -5.15
CA ILE A 240 -22.61 -18.01 -5.31
C ILE A 240 -21.31 -18.58 -5.89
N LYS A 241 -20.78 -17.95 -6.94
CA LYS A 241 -19.55 -18.43 -7.60
C LYS A 241 -18.31 -18.33 -6.73
N GLY A 242 -18.13 -17.21 -6.03
CA GLY A 242 -17.06 -17.11 -5.03
C GLY A 242 -17.19 -18.21 -3.99
N GLY A 243 -18.41 -18.44 -3.51
CA GLY A 243 -18.70 -19.55 -2.61
C GLY A 243 -18.39 -20.92 -3.20
N ALA A 244 -18.86 -21.16 -4.42
CA ALA A 244 -18.55 -22.39 -5.15
C ALA A 244 -17.04 -22.62 -5.32
N LEU A 245 -16.31 -21.56 -5.67
CA LEU A 245 -14.88 -21.66 -5.93
C LEU A 245 -13.99 -21.47 -4.70
N ARG A 246 -14.60 -21.51 -3.51
CA ARG A 246 -13.89 -21.47 -2.22
C ARG A 246 -12.96 -20.26 -2.12
N GLN A 247 -13.41 -19.14 -2.70
CA GLN A 247 -12.63 -17.91 -2.71
C GLN A 247 -12.71 -17.23 -1.35
N GLU A 248 -11.59 -16.66 -0.93
CA GLU A 248 -11.54 -15.99 0.35
C GLU A 248 -12.40 -14.73 0.42
N GLU A 249 -12.29 -13.90 -0.62
CA GLU A 249 -13.07 -12.68 -0.75
C GLU A 249 -13.66 -12.53 -2.17
N VAL A 250 -14.91 -12.10 -2.23
CA VAL A 250 -15.55 -11.71 -3.48
C VAL A 250 -15.77 -10.21 -3.38
N TYR A 251 -15.42 -9.47 -4.44
CA TYR A 251 -15.66 -8.02 -4.51
C TYR A 251 -16.65 -7.74 -5.64
N TYR A 252 -17.61 -6.86 -5.40
CA TYR A 252 -18.61 -6.55 -6.41
C TYR A 252 -19.22 -5.18 -6.23
N ASP A 253 -19.02 -4.32 -7.26
CA ASP A 253 -19.44 -2.90 -7.30
C ASP A 253 -19.70 -2.53 -8.78
N SER A 254 -20.33 -1.40 -9.05
CA SER A 254 -20.46 -1.00 -10.46
C SER A 254 -19.15 -0.39 -11.01
N SER A 255 -18.38 0.25 -10.14
CA SER A 255 -17.09 0.87 -10.47
C SER A 255 -15.93 -0.13 -10.38
N LEU A 256 -15.17 -0.29 -11.47
CA LEU A 256 -13.96 -1.14 -11.51
C LEU A 256 -12.84 -0.54 -10.69
N TRP A 257 -12.78 0.79 -10.65
CA TRP A 257 -11.91 1.53 -9.73
C TRP A 257 -12.11 1.06 -8.29
N THR A 258 -13.34 1.19 -7.80
CA THR A 258 -13.69 0.70 -6.47
C THR A 258 -13.21 -0.73 -6.22
N THR A 259 -13.53 -1.67 -7.12
CA THR A 259 -13.12 -3.08 -6.88
C THR A 259 -11.62 -3.36 -6.93
N LEU A 260 -10.87 -2.50 -7.62
CA LEU A 260 -9.43 -2.59 -7.58
C LEU A 260 -8.92 -2.04 -6.26
N LEU A 261 -9.53 -0.95 -5.81
CA LEU A 261 -9.12 -0.24 -4.62
C LEU A 261 -9.47 -0.97 -3.31
N ILE A 262 -10.39 -1.92 -3.39
CA ILE A 262 -10.91 -2.54 -2.18
C ILE A 262 -9.99 -3.66 -1.65
N ARG A 263 -9.13 -4.19 -2.51
CA ARG A 263 -8.08 -5.10 -2.07
C ARG A 263 -7.11 -4.42 -1.11
N ASN A 264 -6.61 -5.20 -0.15
CA ASN A 264 -5.69 -4.69 0.85
C ASN A 264 -4.44 -5.56 0.86
N PRO A 265 -3.47 -5.23 -0.01
CA PRO A 265 -2.23 -6.00 -0.10
C PRO A 265 -1.40 -5.92 1.18
N SER A 266 -1.34 -4.75 1.83
CA SER A 266 -0.57 -4.61 3.05
C SER A 266 -1.10 -5.46 4.24
N ARG A 267 -2.43 -5.61 4.34
CA ARG A 267 -3.03 -6.56 5.29
C ARG A 267 -2.55 -7.98 5.02
N LYS A 268 -2.57 -8.34 3.73
CA LYS A 268 -2.11 -9.64 3.28
C LYS A 268 -0.62 -9.85 3.67
N ILE A 269 0.20 -8.82 3.48
CA ILE A 269 1.62 -8.85 3.88
C ILE A 269 1.77 -9.09 5.38
N LEU A 270 1.10 -8.25 6.20
CA LEU A 270 1.16 -8.38 7.66
C LEU A 270 0.71 -9.75 8.12
N GLU A 271 -0.30 -10.30 7.50
CA GLU A 271 -0.81 -11.60 7.91
C GLU A 271 0.19 -12.73 7.68
N PHE A 272 0.95 -12.65 6.58
CA PHE A 272 2.00 -13.64 6.30
C PHE A 272 3.16 -13.42 7.26
N LEU A 273 3.59 -12.17 7.37
CA LEU A 273 4.61 -11.77 8.33
C LEU A 273 4.36 -12.37 9.72
N TYR A 274 3.13 -12.24 10.22
CA TYR A 274 2.76 -12.71 11.55
C TYR A 274 2.34 -14.18 11.62
N SER A 275 2.20 -14.82 10.46
CA SER A 275 1.77 -16.23 10.37
C SER A 275 2.79 -17.22 10.93
N THR A 276 4.00 -16.73 11.17
CA THR A 276 5.10 -17.56 11.65
C THR A 276 5.28 -17.41 13.16
N SER A 277 4.97 -16.22 13.68
CA SER A 277 5.25 -15.90 15.07
C SER A 277 4.24 -16.45 16.08
N TYR A 278 3.60 -17.57 15.73
CA TYR A 278 2.82 -18.38 16.68
C TYR A 278 2.99 -19.87 16.41
N ASN A 279 2.83 -20.67 17.46
CA ASN A 279 3.23 -22.08 17.45
C ASN A 279 2.11 -22.91 18.08
N MET A 280 1.22 -23.41 17.21
CA MET A 280 0.01 -24.10 17.66
C MET A 280 -0.13 -25.54 17.18
N ASP A 281 -1.00 -26.30 17.86
CA ASP A 281 -1.10 -27.76 17.69
C ASP A 281 -2.54 -28.27 17.57
N PRO B 16 -5.46 17.15 13.02
CA PRO B 16 -4.43 17.15 14.05
C PRO B 16 -3.85 18.54 14.31
N LEU B 17 -3.04 18.64 15.36
CA LEU B 17 -2.41 19.91 15.72
C LEU B 17 -1.00 19.94 15.13
N ASN B 18 -0.72 20.96 14.32
CA ASN B 18 0.59 21.09 13.71
C ASN B 18 1.57 21.70 14.69
N GLU B 19 2.02 20.86 15.63
CA GLU B 19 2.94 21.23 16.70
C GLU B 19 3.43 20.00 17.48
N GLU B 20 4.56 20.16 18.16
CA GLU B 20 5.19 19.09 18.92
C GLU B 20 4.47 18.89 20.25
N PHE B 21 4.48 17.66 20.75
CA PHE B 21 3.86 17.39 22.03
C PHE B 21 4.67 18.00 23.16
N ARG B 22 3.97 18.70 24.06
CA ARG B 22 4.58 19.12 25.31
C ARG B 22 3.63 18.78 26.46
N PRO B 23 4.19 18.26 27.57
CA PRO B 23 3.41 17.77 28.71
C PRO B 23 2.41 18.78 29.20
N GLU B 24 2.78 20.06 29.15
CA GLU B 24 1.87 21.16 29.52
C GLU B 24 0.51 21.11 28.81
N MET B 25 0.44 20.42 27.68
CA MET B 25 -0.82 20.24 26.97
C MET B 25 -1.90 19.59 27.87
N LEU B 26 -1.47 18.77 28.84
CA LEU B 26 -2.40 18.04 29.72
C LEU B 26 -2.59 18.61 31.12
N GLN B 27 -1.79 19.62 31.47
CA GLN B 27 -1.89 20.28 32.76
C GLN B 27 -3.27 20.91 32.95
N GLY B 28 -3.93 20.54 34.06
CA GLY B 28 -5.28 21.00 34.33
C GLY B 28 -6.36 20.37 33.45
N LYS B 29 -6.00 19.46 32.55
CA LYS B 29 -7.00 18.79 31.70
C LYS B 29 -7.79 17.75 32.49
N LYS B 30 -9.06 17.53 32.15
CA LYS B 30 -9.88 16.57 32.90
C LYS B 30 -10.06 15.30 32.09
N VAL B 31 -9.51 14.19 32.61
CA VAL B 31 -9.39 12.95 31.84
C VAL B 31 -10.02 11.71 32.54
N ILE B 32 -10.77 10.93 31.77
CA ILE B 32 -11.23 9.61 32.19
C ILE B 32 -10.34 8.58 31.55
N VAL B 33 -9.93 7.58 32.33
CA VAL B 33 -9.16 6.43 31.83
C VAL B 33 -9.88 5.18 32.31
N THR B 34 -10.29 4.32 31.38
CA THR B 34 -11.00 3.11 31.76
C THR B 34 -10.03 1.95 31.75
N GLY B 35 -10.42 0.85 32.36
CA GLY B 35 -9.41 -0.23 32.59
C GLY B 35 -8.06 0.33 33.08
N ALA B 36 -8.09 1.12 34.15
CA ALA B 36 -6.90 1.82 34.63
C ALA B 36 -6.36 1.25 35.95
N SER B 37 -6.71 0.00 36.21
CA SER B 37 -6.22 -0.69 37.38
C SER B 37 -4.92 -1.44 37.15
N LYS B 38 -4.60 -1.73 35.87
CA LYS B 38 -3.35 -2.39 35.50
C LYS B 38 -2.97 -2.16 34.04
N GLY B 39 -1.83 -2.71 33.61
CA GLY B 39 -1.43 -2.63 32.20
C GLY B 39 -1.29 -1.20 31.65
N ILE B 40 -1.64 -1.02 30.38
CA ILE B 40 -1.50 0.28 29.71
C ILE B 40 -2.33 1.31 30.42
N GLY B 41 -3.53 0.94 30.84
CA GLY B 41 -4.44 1.91 31.48
C GLY B 41 -3.87 2.58 32.73
N ARG B 42 -3.19 1.78 33.55
CA ARG B 42 -2.58 2.32 34.77
C ARG B 42 -1.44 3.26 34.40
N GLU B 43 -0.62 2.91 33.41
CA GLU B 43 0.49 3.79 33.00
C GLU B 43 0.01 5.11 32.43
N MET B 44 -1.15 5.10 31.74
CA MET B 44 -1.72 6.36 31.27
C MET B 44 -2.12 7.25 32.42
N ALA B 45 -2.76 6.68 33.44
CA ALA B 45 -3.11 7.45 34.64
C ALA B 45 -1.85 8.09 35.29
N TYR B 46 -0.80 7.29 35.48
CA TYR B 46 0.48 7.80 36.00
C TYR B 46 1.07 8.90 35.13
N HIS B 47 1.14 8.68 33.82
CA HIS B 47 1.62 9.74 32.93
C HIS B 47 0.77 10.99 33.08
N LEU B 48 -0.55 10.82 33.08
CA LEU B 48 -1.47 11.95 33.20
C LEU B 48 -1.29 12.69 34.53
N ALA B 49 -1.08 11.91 35.60
CA ALA B 49 -0.82 12.47 36.92
C ALA B 49 0.47 13.28 36.97
N LYS B 50 1.57 12.71 36.47
CA LYS B 50 2.85 13.43 36.36
C LYS B 50 2.68 14.79 35.63
N MET B 51 1.78 14.85 34.65
CA MET B 51 1.52 16.07 33.85
C MET B 51 0.60 17.09 34.52
N GLY B 52 0.00 16.71 35.65
CA GLY B 52 -0.86 17.61 36.43
C GLY B 52 -2.31 17.65 36.00
N ALA B 53 -2.77 16.61 35.31
CA ALA B 53 -4.19 16.49 34.92
C ALA B 53 -5.04 16.08 36.12
N HIS B 54 -6.34 16.37 36.02
CA HIS B 54 -7.34 15.73 36.84
C HIS B 54 -7.63 14.40 36.21
N VAL B 55 -7.74 13.35 37.04
CA VAL B 55 -7.89 11.97 36.57
C VAL B 55 -9.06 11.26 37.29
N VAL B 56 -9.86 10.49 36.55
CA VAL B 56 -10.79 9.55 37.16
C VAL B 56 -10.53 8.25 36.44
N VAL B 57 -10.29 7.19 37.22
CA VAL B 57 -9.92 5.91 36.68
C VAL B 57 -11.03 4.93 37.04
N THR B 58 -11.24 3.91 36.22
CA THR B 58 -12.21 2.88 36.53
C THR B 58 -11.71 1.50 36.13
N ALA B 59 -12.37 0.49 36.70
CA ALA B 59 -12.14 -0.93 36.46
C ALA B 59 -13.01 -1.62 37.52
N ARG B 60 -12.94 -2.94 37.62
CA ARG B 60 -13.73 -3.62 38.62
C ARG B 60 -13.06 -3.64 40.03
N SER B 61 -11.74 -3.82 40.06
CA SER B 61 -11.01 -4.00 41.33
C SER B 61 -10.84 -2.73 42.13
N LYS B 62 -11.66 -2.61 43.17
CA LYS B 62 -11.68 -1.51 44.14
C LYS B 62 -10.31 -1.32 44.76
N GLU B 63 -9.69 -2.43 45.15
CA GLU B 63 -8.42 -2.41 45.85
C GLU B 63 -7.27 -1.96 44.96
N THR B 64 -7.16 -2.51 43.74
CA THR B 64 -6.11 -2.06 42.83
C THR B 64 -6.35 -0.59 42.43
N LEU B 65 -7.61 -0.21 42.20
CA LEU B 65 -7.92 1.18 41.84
C LEU B 65 -7.50 2.20 42.92
N GLN B 66 -7.58 1.81 44.19
CA GLN B 66 -7.21 2.70 45.29
C GLN B 66 -5.71 3.01 45.25
N LYS B 67 -4.90 1.96 45.06
CA LYS B 67 -3.43 2.05 44.87
C LYS B 67 -2.99 2.92 43.69
N VAL B 68 -3.73 2.81 42.58
CA VAL B 68 -3.47 3.65 41.42
C VAL B 68 -3.73 5.11 41.81
N VAL B 69 -4.86 5.35 42.47
CA VAL B 69 -5.22 6.69 42.91
C VAL B 69 -4.15 7.32 43.84
N SER B 70 -3.63 6.53 44.78
CA SER B 70 -2.61 7.04 45.71
C SER B 70 -1.35 7.48 45.00
N HIS B 71 -0.85 6.64 44.10
CA HIS B 71 0.33 6.98 43.33
C HIS B 71 0.07 8.23 42.47
N CYS B 72 -1.09 8.29 41.82
CA CYS B 72 -1.48 9.48 41.04
C CYS B 72 -1.40 10.79 41.82
N LEU B 73 -1.93 10.78 43.04
CA LEU B 73 -1.96 11.95 43.91
C LEU B 73 -0.56 12.45 44.27
N GLU B 74 0.35 11.51 44.57
CA GLU B 74 1.73 11.88 44.90
C GLU B 74 2.58 12.14 43.68
N LEU B 75 2.14 11.62 42.54
CA LEU B 75 2.80 11.93 41.26
C LEU B 75 2.59 13.36 40.81
N GLY B 76 1.51 13.99 41.27
CA GLY B 76 1.26 15.37 40.94
C GLY B 76 -0.09 15.69 40.29
N ALA B 77 -1.06 14.79 40.39
CA ALA B 77 -2.37 15.02 39.79
C ALA B 77 -3.05 16.22 40.42
N ALA B 78 -3.64 17.08 39.61
CA ALA B 78 -4.53 18.13 40.11
C ALA B 78 -5.62 17.53 41.00
N SER B 79 -6.11 16.35 40.62
CA SER B 79 -7.02 15.55 41.41
C SER B 79 -7.13 14.15 40.80
N ALA B 80 -7.48 13.17 41.62
CA ALA B 80 -7.46 11.75 41.23
C ALA B 80 -8.51 11.00 42.03
N HIS B 81 -9.41 10.32 41.31
CA HIS B 81 -10.49 9.54 41.91
C HIS B 81 -10.67 8.25 41.13
N TYR B 82 -11.39 7.31 41.71
CA TYR B 82 -11.74 6.08 41.04
C TYR B 82 -13.21 5.79 41.27
N ILE B 83 -13.80 5.03 40.36
CA ILE B 83 -15.16 4.55 40.53
C ILE B 83 -15.12 3.14 39.99
N ALA B 84 -15.51 2.17 40.82
CA ALA B 84 -15.35 0.78 40.44
C ALA B 84 -16.65 0.20 39.96
N GLY B 85 -16.56 -0.58 38.90
CA GLY B 85 -17.71 -1.29 38.38
C GLY B 85 -17.37 -2.07 37.12
N THR B 86 -18.31 -2.90 36.69
CA THR B 86 -18.20 -3.66 35.46
C THR B 86 -18.84 -2.94 34.26
N MET B 87 -18.08 -2.87 33.18
CA MET B 87 -18.56 -2.33 31.91
C MET B 87 -19.43 -3.35 31.15
N GLU B 88 -19.73 -4.49 31.76
CA GLU B 88 -20.77 -5.42 31.26
C GLU B 88 -22.15 -4.85 31.52
N ASP B 89 -22.21 -3.93 32.46
CA ASP B 89 -23.42 -3.31 32.91
C ASP B 89 -23.50 -1.90 32.33
N MET B 90 -24.39 -1.75 31.35
CA MET B 90 -24.46 -0.53 30.56
C MET B 90 -25.00 0.63 31.40
N THR B 91 -25.69 0.29 32.49
CA THR B 91 -26.16 1.30 33.46
C THR B 91 -25.01 1.90 34.29
N PHE B 92 -24.04 1.07 34.66
CA PHE B 92 -22.84 1.59 35.31
C PHE B 92 -22.07 2.54 34.38
N ALA B 93 -21.83 2.11 33.15
CA ALA B 93 -21.05 2.85 32.17
C ALA B 93 -21.61 4.25 32.02
N GLU B 94 -22.90 4.31 31.77
CA GLU B 94 -23.64 5.55 31.62
C GLU B 94 -23.55 6.43 32.90
N GLN B 95 -23.62 5.81 34.08
CA GLN B 95 -23.57 6.56 35.34
C GLN B 95 -22.15 6.94 35.76
N PHE B 96 -21.21 6.01 35.53
CA PHE B 96 -19.79 6.30 35.74
C PHE B 96 -19.40 7.63 35.13
N VAL B 97 -19.75 7.83 33.86
CA VAL B 97 -19.36 9.07 33.15
C VAL B 97 -19.99 10.31 33.79
N ALA B 98 -21.27 10.22 34.15
CA ALA B 98 -21.93 11.32 34.86
C ALA B 98 -21.22 11.62 36.16
N GLN B 99 -20.97 10.58 36.96
CA GLN B 99 -20.26 10.75 38.23
C GLN B 99 -18.84 11.28 38.05
N ALA B 100 -18.14 10.82 37.01
CA ALA B 100 -16.77 11.26 36.77
C ALA B 100 -16.68 12.74 36.42
N GLY B 101 -17.63 13.22 35.63
CA GLY B 101 -17.71 14.64 35.22
C GLY B 101 -18.11 15.60 36.34
N LYS B 102 -18.91 15.09 37.28
CA LYS B 102 -19.19 15.78 38.55
C LYS B 102 -17.93 15.92 39.40
N LEU B 103 -17.11 14.86 39.49
CA LEU B 103 -15.87 14.93 40.29
C LEU B 103 -14.84 15.96 39.80
N MET B 104 -14.77 16.18 38.49
CA MET B 104 -13.74 17.04 37.90
C MET B 104 -14.30 18.39 37.46
N GLY B 105 -15.61 18.45 37.28
CA GLY B 105 -16.28 19.67 36.78
C GLY B 105 -16.17 19.78 35.26
N GLY B 106 -16.37 18.65 34.57
CA GLY B 106 -16.29 18.64 33.09
C GLY B 106 -15.34 17.57 32.60
N LEU B 107 -15.14 17.49 31.28
CA LEU B 107 -14.28 16.46 30.69
C LEU B 107 -13.64 16.87 29.36
N ASP B 108 -12.32 16.65 29.26
CA ASP B 108 -11.51 17.06 28.13
C ASP B 108 -11.13 15.87 27.27
N MET B 109 -10.75 14.77 27.93
CA MET B 109 -10.38 13.57 27.24
C MET B 109 -11.00 12.33 27.88
N LEU B 110 -11.50 11.44 27.01
CA LEU B 110 -12.09 10.15 27.40
C LEU B 110 -11.25 9.08 26.75
N ILE B 111 -10.52 8.30 27.56
CA ILE B 111 -9.70 7.20 27.08
C ILE B 111 -10.38 5.86 27.37
N LEU B 112 -10.72 5.14 26.31
CA LEU B 112 -11.46 3.89 26.38
C LEU B 112 -10.48 2.78 26.14
N ASN B 113 -10.17 2.00 27.19
CA ASN B 113 -9.04 1.09 27.13
C ASN B 113 -9.33 -0.36 27.62
N HIS B 114 -10.31 -0.53 28.52
CA HIS B 114 -10.65 -1.81 29.14
C HIS B 114 -11.10 -2.86 28.16
N ILE B 115 -10.99 -4.12 28.54
CA ILE B 115 -11.37 -5.25 27.70
C ILE B 115 -11.73 -6.39 28.63
N THR B 116 -12.47 -7.38 28.13
CA THR B 116 -12.86 -8.47 28.95
C THR B 116 -11.69 -9.47 29.02
N ASN B 117 -11.56 -10.13 30.16
CA ASN B 117 -10.53 -11.16 30.32
C ASN B 117 -10.71 -12.13 29.18
N THR B 118 -9.65 -12.36 28.42
CA THR B 118 -9.77 -13.25 27.28
C THR B 118 -8.44 -13.98 27.21
N SER B 119 -8.44 -15.19 26.71
CA SER B 119 -7.19 -15.93 26.58
C SER B 119 -7.18 -16.59 25.22
N LEU B 120 -5.99 -17.01 24.75
CA LEU B 120 -5.86 -17.60 23.42
C LEU B 120 -6.50 -18.99 23.33
N ASN B 121 -7.29 -19.20 22.29
CA ASN B 121 -8.06 -20.43 22.10
C ASN B 121 -8.65 -20.50 20.71
N LEU B 122 -8.73 -21.71 20.15
CA LEU B 122 -9.48 -21.96 18.94
C LEU B 122 -10.96 -21.75 19.25
N PHE B 123 -11.68 -21.12 18.33
CA PHE B 123 -13.10 -20.95 18.49
C PHE B 123 -13.77 -22.29 18.19
N HIS B 124 -14.70 -22.67 19.06
CA HIS B 124 -15.48 -23.87 18.89
C HIS B 124 -16.96 -23.53 18.93
N ASP B 125 -17.44 -23.17 20.12
CA ASP B 125 -18.84 -22.85 20.28
C ASP B 125 -19.12 -21.90 21.44
N ASP B 126 -18.14 -21.09 21.82
CA ASP B 126 -18.37 -20.18 22.95
C ASP B 126 -19.01 -18.88 22.51
N ILE B 127 -20.31 -18.94 22.26
CA ILE B 127 -21.12 -17.78 21.88
C ILE B 127 -21.24 -16.81 23.06
N HIS B 128 -21.25 -17.35 24.29
CA HIS B 128 -21.23 -16.52 25.49
C HIS B 128 -20.04 -15.58 25.46
N HIS B 129 -18.88 -16.11 25.07
CA HIS B 129 -17.66 -15.34 25.08
C HIS B 129 -17.66 -14.25 23.99
N VAL B 130 -18.17 -14.60 22.79
CA VAL B 130 -18.30 -13.68 21.64
C VAL B 130 -19.24 -12.57 22.03
N ARG B 131 -20.31 -12.93 22.73
CA ARG B 131 -21.23 -11.95 23.23
C ARG B 131 -20.68 -11.02 24.29
N LYS B 132 -19.98 -11.58 25.28
CA LYS B 132 -19.35 -10.81 26.34
C LYS B 132 -18.27 -9.86 25.78
N SER B 133 -17.46 -10.37 24.86
CA SER B 133 -16.49 -9.53 24.13
C SER B 133 -17.17 -8.34 23.46
N MET B 134 -18.22 -8.59 22.66
CA MET B 134 -18.88 -7.48 22.00
C MET B 134 -19.44 -6.50 22.96
N GLU B 135 -19.93 -6.97 24.12
CA GLU B 135 -20.52 -6.05 25.11
C GLU B 135 -19.47 -5.22 25.82
N VAL B 136 -18.45 -5.88 26.36
CA VAL B 136 -17.43 -5.18 27.13
C VAL B 136 -16.46 -4.35 26.25
N ASN B 137 -16.00 -4.93 25.16
CA ASN B 137 -14.92 -4.31 24.39
C ASN B 137 -15.46 -3.36 23.30
N PHE B 138 -16.75 -3.43 23.02
CA PHE B 138 -17.37 -2.58 21.98
C PHE B 138 -18.60 -1.78 22.46
N LEU B 139 -19.70 -2.44 22.81
CA LEU B 139 -20.91 -1.72 23.23
C LEU B 139 -20.71 -0.68 24.34
N SER B 140 -20.01 -1.06 25.40
CA SER B 140 -19.79 -0.13 26.50
C SER B 140 -19.03 1.09 26.05
N TYR B 141 -18.15 0.96 25.03
CA TYR B 141 -17.42 2.14 24.52
C TYR B 141 -18.37 3.11 23.84
N VAL B 142 -19.33 2.57 23.11
CA VAL B 142 -20.41 3.39 22.53
C VAL B 142 -21.21 4.07 23.63
N VAL B 143 -21.60 3.30 24.65
CA VAL B 143 -22.37 3.87 25.79
C VAL B 143 -21.57 4.95 26.54
N LEU B 144 -20.29 4.70 26.79
CA LEU B 144 -19.43 5.73 27.45
C LEU B 144 -19.30 6.99 26.57
N THR B 145 -19.19 6.79 25.27
CA THR B 145 -19.08 7.88 24.32
C THR B 145 -20.36 8.72 24.25
N VAL B 146 -21.53 8.07 24.22
CA VAL B 146 -22.79 8.83 24.27
C VAL B 146 -22.87 9.69 25.53
N ALA B 147 -22.52 9.10 26.67
CA ALA B 147 -22.59 9.81 27.95
C ALA B 147 -21.64 11.03 28.02
N ALA B 148 -20.48 10.92 27.37
CA ALA B 148 -19.41 11.91 27.50
C ALA B 148 -19.48 13.01 26.45
N LEU B 149 -20.16 12.74 25.35
CA LEU B 149 -20.17 13.66 24.22
C LEU B 149 -20.59 15.10 24.58
N PRO B 150 -21.69 15.27 25.35
CA PRO B 150 -22.00 16.64 25.77
C PRO B 150 -20.82 17.37 26.42
N MET B 151 -20.18 16.74 27.42
CA MET B 151 -19.05 17.35 28.11
C MET B 151 -17.87 17.62 27.20
N LEU B 152 -17.53 16.65 26.37
CA LEU B 152 -16.48 16.78 25.35
C LEU B 152 -16.75 17.89 24.32
N LYS B 153 -18.03 18.14 24.00
CA LYS B 153 -18.39 19.23 23.08
C LYS B 153 -18.18 20.65 23.68
N GLN B 154 -18.43 20.77 24.98
CA GLN B 154 -18.22 22.03 25.71
C GLN B 154 -16.74 22.39 25.83
N SER B 155 -15.86 21.40 25.68
CA SER B 155 -14.43 21.61 25.86
C SER B 155 -13.66 21.43 24.55
N ASN B 156 -14.39 21.20 23.46
CA ASN B 156 -13.82 20.70 22.21
C ASN B 156 -12.70 19.65 22.44
N GLY B 157 -13.04 18.61 23.20
CA GLY B 157 -12.08 17.61 23.67
C GLY B 157 -11.90 16.43 22.74
N SER B 158 -11.52 15.28 23.30
CA SER B 158 -11.06 14.14 22.51
C SER B 158 -11.50 12.81 23.09
N ILE B 159 -11.71 11.83 22.21
CA ILE B 159 -12.03 10.45 22.55
C ILE B 159 -10.84 9.61 22.09
N VAL B 160 -10.28 8.81 22.97
CA VAL B 160 -9.21 7.93 22.54
C VAL B 160 -9.70 6.50 22.68
N VAL B 161 -9.59 5.75 21.62
CA VAL B 161 -10.08 4.38 21.60
C VAL B 161 -8.87 3.49 21.40
N VAL B 162 -8.61 2.60 22.35
CA VAL B 162 -7.44 1.74 22.23
C VAL B 162 -7.81 0.44 21.54
N SER B 163 -7.01 0.07 20.54
CA SER B 163 -7.28 -1.09 19.72
C SER B 163 -5.97 -1.84 19.46
N SER B 164 -5.98 -2.75 18.49
CA SER B 164 -4.93 -3.74 18.31
C SER B 164 -4.63 -4.03 16.86
N LEU B 165 -3.53 -4.73 16.63
CA LEU B 165 -3.17 -5.32 15.33
C LEU B 165 -4.30 -6.21 14.86
N ALA B 166 -4.79 -7.05 15.79
CA ALA B 166 -5.91 -7.94 15.52
C ALA B 166 -7.25 -7.21 15.30
N GLY B 167 -7.24 -5.87 15.34
CA GLY B 167 -8.40 -5.04 14.97
C GLY B 167 -8.18 -4.35 13.63
N LYS B 168 -7.10 -4.73 12.93
CA LYS B 168 -6.76 -4.30 11.58
C LYS B 168 -6.47 -5.46 10.66
N VAL B 169 -5.98 -6.56 11.22
CA VAL B 169 -5.72 -7.74 10.43
C VAL B 169 -6.32 -8.97 11.10
N ALA B 170 -6.46 -10.09 10.42
CA ALA B 170 -6.99 -11.29 11.04
C ALA B 170 -5.87 -11.95 11.85
N TYR B 171 -6.20 -12.54 13.00
CA TYR B 171 -5.22 -13.26 13.79
C TYR B 171 -5.93 -14.46 14.42
N PRO B 172 -5.35 -15.67 14.30
CA PRO B 172 -6.01 -16.88 14.84
C PRO B 172 -5.97 -16.85 16.35
N MET B 173 -6.95 -17.48 17.00
CA MET B 173 -6.96 -17.61 18.48
C MET B 173 -7.57 -16.42 19.23
N VAL B 174 -7.77 -15.30 18.53
CA VAL B 174 -8.37 -14.10 19.11
C VAL B 174 -9.63 -13.63 18.32
N ALA B 175 -10.45 -14.60 17.93
CA ALA B 175 -11.54 -14.37 16.99
C ALA B 175 -12.61 -13.45 17.57
N ALA B 176 -13.10 -13.76 18.77
CA ALA B 176 -14.06 -12.91 19.47
C ALA B 176 -13.51 -11.52 19.76
N TYR B 177 -12.29 -11.47 20.27
CA TYR B 177 -11.62 -10.22 20.57
C TYR B 177 -11.44 -9.34 19.32
N SER B 178 -10.99 -9.98 18.24
CA SER B 178 -10.74 -9.36 16.93
C SER B 178 -12.05 -8.81 16.34
N ALA B 179 -13.11 -9.57 16.43
CA ALA B 179 -14.45 -9.10 16.07
C ALA B 179 -14.75 -7.77 16.75
N SER B 180 -14.43 -7.68 18.05
CA SER B 180 -14.82 -6.49 18.85
C SER B 180 -13.97 -5.28 18.54
N LYS B 181 -12.70 -5.54 18.22
CA LYS B 181 -11.75 -4.49 17.86
C LYS B 181 -11.93 -3.97 16.43
N PHE B 182 -12.23 -4.86 15.48
CA PHE B 182 -12.70 -4.47 14.12
C PHE B 182 -13.94 -3.57 14.20
N ALA B 183 -14.94 -3.98 14.99
CA ALA B 183 -16.14 -3.19 15.20
C ALA B 183 -15.84 -1.80 15.75
N LEU B 184 -14.84 -1.66 16.62
CA LEU B 184 -14.41 -0.34 17.06
C LEU B 184 -13.92 0.51 15.90
N ASP B 185 -13.21 -0.09 14.96
CA ASP B 185 -12.62 0.70 13.87
C ASP B 185 -13.79 1.25 13.05
N GLY B 186 -14.63 0.32 12.60
CA GLY B 186 -15.90 0.59 11.91
C GLY B 186 -16.83 1.58 12.51
N PHE B 187 -17.18 1.41 13.79
CA PHE B 187 -18.01 2.41 14.47
C PHE B 187 -17.37 3.78 14.65
N PHE B 188 -16.17 3.83 15.23
CA PHE B 188 -15.61 5.14 15.52
C PHE B 188 -15.07 5.87 14.28
N SER B 189 -14.61 5.11 13.30
CA SER B 189 -14.15 5.71 12.08
C SER B 189 -15.34 6.37 11.34
N SER B 190 -16.53 5.76 11.45
CA SER B 190 -17.73 6.30 10.81
C SER B 190 -18.26 7.54 11.54
N ILE B 191 -18.26 7.50 12.87
CA ILE B 191 -18.61 8.66 13.67
C ILE B 191 -17.66 9.86 13.45
N ARG B 192 -16.37 9.60 13.22
CA ARG B 192 -15.46 10.70 12.86
C ARG B 192 -15.88 11.39 11.55
N LYS B 193 -16.25 10.63 10.53
CA LYS B 193 -16.81 11.19 9.35
C LYS B 193 -18.02 12.06 9.71
N GLU B 194 -18.96 11.52 10.50
CA GLU B 194 -20.16 12.24 10.89
C GLU B 194 -19.89 13.53 11.68
N TYR B 195 -18.83 13.52 12.48
CA TYR B 195 -18.40 14.69 13.23
C TYR B 195 -17.81 15.75 12.29
N SER B 196 -17.19 15.30 11.20
CA SER B 196 -16.75 16.23 10.16
C SER B 196 -17.95 16.88 9.43
N VAL B 197 -18.92 16.11 8.95
CA VAL B 197 -20.08 16.72 8.32
C VAL B 197 -20.76 17.73 9.25
N SER B 198 -21.16 17.31 10.45
CA SER B 198 -21.99 18.12 11.34
C SER B 198 -21.20 19.09 12.22
N ARG B 199 -19.93 19.30 11.89
CA ARG B 199 -19.09 20.29 12.55
C ARG B 199 -18.93 20.12 14.07
N VAL B 200 -18.71 18.88 14.51
CA VAL B 200 -18.46 18.59 15.91
C VAL B 200 -16.96 18.66 16.16
N ASN B 201 -16.55 19.49 17.12
CA ASN B 201 -15.12 19.65 17.41
C ASN B 201 -14.63 18.70 18.51
N VAL B 202 -14.79 17.40 18.27
CA VAL B 202 -14.31 16.39 19.18
C VAL B 202 -13.50 15.43 18.35
N SER B 203 -12.19 15.39 18.62
CA SER B 203 -11.32 14.43 17.93
C SER B 203 -11.56 13.02 18.40
N ILE B 204 -11.28 12.05 17.51
CA ILE B 204 -11.35 10.62 17.79
C ILE B 204 -10.05 10.00 17.30
N THR B 205 -9.27 9.45 18.22
CA THR B 205 -7.97 8.82 17.93
C THR B 205 -8.16 7.31 18.12
N LEU B 206 -7.88 6.51 17.10
CA LEU B 206 -7.86 5.07 17.27
C LEU B 206 -6.43 4.60 17.38
N CYS B 207 -6.12 3.90 18.46
CA CYS B 207 -4.74 3.44 18.66
C CYS B 207 -4.65 2.00 18.24
N VAL B 208 -3.65 1.66 17.42
CA VAL B 208 -3.45 0.29 16.96
C VAL B 208 -2.12 -0.21 17.55
N LEU B 209 -2.22 -1.14 18.49
CA LEU B 209 -1.05 -1.58 19.27
C LEU B 209 -0.64 -2.98 18.86
N GLY B 210 0.66 -3.20 18.71
CA GLY B 210 1.17 -4.58 18.67
C GLY B 210 1.26 -5.11 20.09
N LEU B 211 2.02 -6.20 20.26
CA LEU B 211 2.29 -6.80 21.59
C LEU B 211 2.95 -5.83 22.57
N ILE B 212 2.27 -5.63 23.70
CA ILE B 212 2.80 -4.80 24.78
C ILE B 212 2.95 -5.68 26.02
N ASP B 213 4.03 -5.43 26.79
CA ASP B 213 4.44 -6.30 27.90
C ASP B 213 3.66 -6.11 29.20
N THR B 214 2.35 -6.32 29.17
CA THR B 214 1.52 -6.10 30.33
C THR B 214 1.44 -7.45 30.98
N GLU B 215 1.18 -7.47 32.29
CA GLU B 215 1.02 -8.68 33.08
C GLU B 215 0.16 -9.64 32.30
N THR B 216 -1.12 -9.26 32.16
CA THR B 216 -2.15 -9.99 31.39
C THR B 216 -1.75 -10.53 30.02
N ALA B 217 -1.17 -9.67 29.19
CA ALA B 217 -0.78 -10.11 27.84
C ALA B 217 0.33 -11.14 27.91
N MET B 218 1.35 -10.87 28.72
CA MET B 218 2.51 -11.76 28.86
C MET B 218 2.12 -13.17 29.32
N LYS B 219 1.25 -13.26 30.32
CA LYS B 219 0.74 -14.59 30.71
C LYS B 219 -0.12 -15.28 29.67
N ALA B 220 -1.05 -14.54 29.05
CA ALA B 220 -1.96 -15.16 28.07
C ALA B 220 -1.26 -15.70 26.80
N VAL B 221 -0.17 -15.05 26.38
CA VAL B 221 0.49 -15.46 25.13
C VAL B 221 1.79 -16.27 25.30
N SER B 222 2.21 -16.48 26.55
CA SER B 222 3.50 -17.17 26.82
C SER B 222 3.48 -18.58 26.24
N GLY B 223 4.47 -18.87 25.40
CA GLY B 223 4.63 -20.18 24.77
C GLY B 223 3.84 -20.39 23.50
N ILE B 224 2.97 -19.44 23.16
CA ILE B 224 2.16 -19.53 21.93
C ILE B 224 2.67 -18.57 20.87
N VAL B 225 2.56 -17.28 21.13
CA VAL B 225 3.11 -16.26 20.25
C VAL B 225 4.55 -16.02 20.67
N HIS B 226 5.39 -15.70 19.70
CA HIS B 226 6.81 -15.51 19.92
C HIS B 226 7.25 -14.19 19.29
N MET B 227 6.94 -13.10 19.98
CA MET B 227 7.14 -11.76 19.44
C MET B 227 7.79 -10.84 20.46
N GLN B 228 8.44 -9.79 19.97
CA GLN B 228 8.96 -8.76 20.83
C GLN B 228 7.86 -7.86 21.40
N ALA B 229 7.65 -7.98 22.71
CA ALA B 229 6.71 -7.17 23.45
C ALA B 229 7.33 -5.80 23.68
N ALA B 230 6.55 -4.76 23.43
CA ALA B 230 7.02 -3.40 23.62
C ALA B 230 6.74 -2.91 25.05
N PRO B 231 7.43 -1.85 25.49
CA PRO B 231 7.23 -1.31 26.84
C PRO B 231 5.92 -0.58 27.08
N LYS B 232 5.17 -1.03 28.07
CA LYS B 232 3.90 -0.39 28.42
C LYS B 232 3.98 1.12 28.79
N GLU B 233 5.08 1.56 29.40
CA GLU B 233 5.23 2.99 29.78
C GLU B 233 5.25 3.92 28.57
N GLU B 234 6.02 3.53 27.56
CA GLU B 234 6.17 4.33 26.34
C GLU B 234 4.88 4.28 25.51
N CYS B 235 4.35 3.06 25.33
CA CYS B 235 3.03 2.82 24.77
C CYS B 235 1.98 3.78 25.33
N ALA B 236 1.89 3.84 26.66
CA ALA B 236 0.92 4.71 27.33
C ALA B 236 1.10 6.17 26.93
N LEU B 237 2.35 6.63 26.94
CA LEU B 237 2.64 8.03 26.60
C LEU B 237 2.29 8.35 25.15
N GLU B 238 2.62 7.44 24.24
CA GLU B 238 2.31 7.62 22.80
C GLU B 238 0.81 7.76 22.55
N ILE B 239 0.01 7.00 23.30
CA ILE B 239 -1.46 7.04 23.26
C ILE B 239 -1.95 8.43 23.66
N ILE B 240 -1.52 8.89 24.84
CA ILE B 240 -1.85 10.24 25.29
C ILE B 240 -1.44 11.36 24.29
N LYS B 241 -0.22 11.26 23.76
CA LYS B 241 0.31 12.23 22.81
C LYS B 241 -0.59 12.25 21.58
N GLY B 242 -0.85 11.06 21.04
CA GLY B 242 -1.78 10.87 19.92
C GLY B 242 -3.10 11.58 20.15
N GLY B 243 -3.67 11.34 21.34
CA GLY B 243 -4.91 11.96 21.78
C GLY B 243 -4.84 13.47 21.88
N ALA B 244 -3.77 13.99 22.48
CA ALA B 244 -3.61 15.44 22.68
C ALA B 244 -3.36 16.20 21.35
N LEU B 245 -2.76 15.51 20.41
CA LEU B 245 -2.45 16.10 19.11
C LEU B 245 -3.60 15.87 18.14
N ARG B 246 -4.67 15.22 18.63
CA ARG B 246 -5.89 14.96 17.85
C ARG B 246 -5.62 14.24 16.54
N GLN B 247 -4.74 13.26 16.61
CA GLN B 247 -4.44 12.42 15.48
C GLN B 247 -5.62 11.48 15.23
N GLU B 248 -5.81 11.06 13.99
CA GLU B 248 -6.84 10.08 13.66
C GLU B 248 -6.42 8.68 14.11
N GLU B 249 -5.18 8.30 13.82
CA GLU B 249 -4.64 7.02 14.24
C GLU B 249 -3.24 7.12 14.88
N VAL B 250 -2.95 6.20 15.79
CA VAL B 250 -1.68 6.10 16.50
C VAL B 250 -1.23 4.66 16.31
N TYR B 251 0.03 4.44 15.96
CA TYR B 251 0.55 3.09 15.80
C TYR B 251 1.75 2.89 16.70
N TYR B 252 1.75 1.77 17.43
CA TYR B 252 2.80 1.48 18.36
C TYR B 252 3.05 -0.01 18.45
N ASP B 253 4.32 -0.37 18.23
CA ASP B 253 4.80 -1.73 18.09
C ASP B 253 6.33 -1.68 18.31
N SER B 254 6.90 -2.73 18.91
CA SER B 254 8.35 -2.85 19.07
C SER B 254 9.06 -2.75 17.71
N SER B 255 8.57 -3.54 16.75
CA SER B 255 8.97 -3.47 15.34
C SER B 255 8.37 -2.22 14.67
N LEU B 256 8.93 -1.05 15.01
CA LEU B 256 8.53 0.20 14.39
C LEU B 256 9.07 0.23 12.95
N TRP B 257 8.39 -0.54 12.10
CA TRP B 257 8.41 -0.41 10.64
C TRP B 257 7.15 -1.10 10.14
N THR B 258 6.77 -2.18 10.84
CA THR B 258 5.44 -2.77 10.81
C THR B 258 4.31 -1.74 10.81
N THR B 259 4.49 -0.68 11.60
CA THR B 259 3.51 0.37 11.72
C THR B 259 3.33 1.12 10.41
N LEU B 260 4.28 0.95 9.48
CA LEU B 260 4.20 1.59 8.17
C LEU B 260 3.28 0.85 7.20
N LEU B 261 3.01 -0.42 7.47
CA LEU B 261 2.14 -1.25 6.63
C LEU B 261 0.69 -1.05 6.98
N ILE B 262 0.45 -0.82 8.26
CA ILE B 262 -0.87 -0.96 8.83
C ILE B 262 -1.79 0.21 8.44
N ARG B 263 -1.18 1.29 7.98
CA ARG B 263 -1.89 2.42 7.39
C ARG B 263 -2.38 2.02 5.98
N ASN B 264 -3.58 2.47 5.60
CA ASN B 264 -4.24 1.98 4.39
C ASN B 264 -4.68 3.09 3.42
N PRO B 265 -3.87 3.34 2.38
CA PRO B 265 -4.10 4.50 1.50
C PRO B 265 -5.25 4.27 0.53
N SER B 266 -5.49 3.01 0.18
CA SER B 266 -6.62 2.63 -0.65
C SER B 266 -7.91 2.95 0.09
N ARG B 267 -7.91 2.65 1.39
CA ARG B 267 -9.00 3.03 2.27
C ARG B 267 -9.18 4.56 2.36
N LYS B 268 -8.08 5.29 2.52
CA LYS B 268 -8.18 6.75 2.53
C LYS B 268 -8.74 7.25 1.21
N ILE B 269 -8.31 6.65 0.09
CA ILE B 269 -8.78 7.05 -1.23
C ILE B 269 -10.25 6.79 -1.39
N LEU B 270 -10.71 5.56 -1.10
CA LEU B 270 -12.15 5.25 -1.21
C LEU B 270 -13.02 6.12 -0.29
N GLU B 271 -12.46 6.53 0.85
CA GLU B 271 -13.17 7.40 1.76
C GLU B 271 -13.23 8.82 1.16
N PHE B 272 -12.12 9.25 0.57
CA PHE B 272 -12.03 10.56 -0.12
C PHE B 272 -12.95 10.54 -1.36
N LEU B 273 -12.86 9.46 -2.13
CA LEU B 273 -13.64 9.31 -3.37
C LEU B 273 -15.14 9.35 -3.17
N TYR B 274 -15.62 8.68 -2.12
CA TYR B 274 -17.04 8.57 -1.84
C TYR B 274 -17.53 9.70 -0.95
N SER B 275 -16.63 10.63 -0.62
CA SER B 275 -16.96 11.79 0.19
C SER B 275 -17.85 12.78 -0.60
N THR B 276 -17.90 12.59 -1.92
CA THR B 276 -18.71 13.43 -2.80
C THR B 276 -19.92 12.68 -3.37
N SER B 277 -20.58 11.93 -2.49
CA SER B 277 -21.79 11.18 -2.82
C SER B 277 -22.77 11.27 -1.65
N ASN C 18 0.22 -18.95 -18.20
CA ASN C 18 -0.79 -19.68 -17.38
C ASN C 18 -0.33 -21.07 -16.84
N GLU C 19 0.99 -21.21 -16.64
CA GLU C 19 1.59 -22.52 -16.34
C GLU C 19 2.57 -22.53 -15.16
N GLU C 20 3.25 -23.65 -14.98
CA GLU C 20 4.36 -23.78 -14.02
C GLU C 20 5.64 -24.25 -14.72
N PHE C 21 6.78 -24.13 -14.06
CA PHE C 21 8.06 -24.32 -14.74
C PHE C 21 8.57 -25.75 -14.74
N ARG C 22 9.11 -26.15 -15.88
CA ARG C 22 9.86 -27.38 -16.01
C ARG C 22 11.03 -27.16 -16.97
N PRO C 23 12.22 -27.69 -16.63
CA PRO C 23 13.45 -27.41 -17.38
C PRO C 23 13.31 -27.59 -18.88
N GLU C 24 12.44 -28.52 -19.28
CA GLU C 24 12.23 -28.90 -20.67
C GLU C 24 11.74 -27.72 -21.56
N MET C 25 11.30 -26.64 -20.92
CA MET C 25 10.90 -25.41 -21.63
C MET C 25 12.08 -24.72 -22.35
N LEU C 26 13.30 -25.01 -21.91
CA LEU C 26 14.54 -24.43 -22.46
C LEU C 26 15.29 -25.35 -23.43
N GLN C 27 14.95 -26.64 -23.37
CA GLN C 27 15.44 -27.64 -24.30
C GLN C 27 15.31 -27.18 -25.77
N GLY C 28 16.44 -26.98 -26.44
CA GLY C 28 16.44 -26.56 -27.85
C GLY C 28 16.22 -25.08 -28.08
N LYS C 29 16.09 -24.30 -27.01
CA LYS C 29 15.93 -22.86 -27.12
C LYS C 29 17.26 -22.15 -27.44
N LYS C 30 17.17 -21.03 -28.14
CA LYS C 30 18.35 -20.25 -28.46
C LYS C 30 18.46 -19.02 -27.54
N VAL C 31 19.51 -19.02 -26.71
CA VAL C 31 19.61 -18.12 -25.59
C VAL C 31 20.93 -17.37 -25.60
N ILE C 32 20.85 -16.04 -25.50
CA ILE C 32 22.01 -15.20 -25.25
C ILE C 32 22.12 -14.93 -23.73
N VAL C 33 23.33 -15.11 -23.17
CA VAL C 33 23.60 -14.70 -21.79
C VAL C 33 24.76 -13.72 -21.78
N THR C 34 24.50 -12.49 -21.35
CA THR C 34 25.57 -11.50 -21.20
C THR C 34 26.12 -11.58 -19.76
N GLY C 35 27.25 -10.96 -19.49
CA GLY C 35 27.98 -11.14 -18.22
C GLY C 35 28.07 -12.58 -17.77
N ALA C 36 28.49 -13.46 -18.67
CA ALA C 36 28.41 -14.90 -18.41
C ALA C 36 29.73 -15.56 -17.98
N SER C 37 30.78 -14.76 -17.81
CA SER C 37 32.09 -15.29 -17.48
C SER C 37 32.18 -15.63 -16.00
N LYS C 38 31.35 -14.99 -15.18
CA LYS C 38 31.32 -15.28 -13.75
C LYS C 38 29.99 -15.00 -13.12
N GLY C 39 29.93 -15.23 -11.82
CA GLY C 39 28.79 -14.83 -11.00
C GLY C 39 27.51 -15.47 -11.46
N ILE C 40 26.41 -14.74 -11.38
CA ILE C 40 25.09 -15.24 -11.74
C ILE C 40 25.03 -15.70 -13.19
N GLY C 41 25.62 -14.92 -14.11
CA GLY C 41 25.53 -15.18 -15.55
C GLY C 41 26.14 -16.51 -15.93
N ARG C 42 27.28 -16.81 -15.32
CA ARG C 42 27.90 -18.08 -15.49
C ARG C 42 27.01 -19.21 -15.02
N GLU C 43 26.40 -19.09 -13.83
CA GLU C 43 25.38 -20.05 -13.35
C GLU C 43 24.21 -20.20 -14.30
N MET C 44 23.72 -19.09 -14.85
CA MET C 44 22.62 -19.17 -15.83
C MET C 44 23.00 -19.99 -17.04
N ALA C 45 24.22 -19.79 -17.55
CA ALA C 45 24.68 -20.55 -18.71
C ALA C 45 24.75 -22.05 -18.41
N TYR C 46 25.26 -22.39 -17.22
CA TYR C 46 25.34 -23.78 -16.78
C TYR C 46 23.96 -24.41 -16.68
N HIS C 47 23.03 -23.70 -16.03
CA HIS C 47 21.66 -24.18 -15.96
C HIS C 47 21.07 -24.43 -17.34
N LEU C 48 21.24 -23.46 -18.25
CA LEU C 48 20.73 -23.60 -19.63
C LEU C 48 21.35 -24.74 -20.41
N ALA C 49 22.66 -24.92 -20.23
CA ALA C 49 23.38 -26.06 -20.81
C ALA C 49 22.78 -27.39 -20.37
N LYS C 50 22.54 -27.51 -19.06
CA LYS C 50 21.96 -28.71 -18.47
C LYS C 50 20.53 -28.93 -18.99
N MET C 51 19.83 -27.84 -19.27
CA MET C 51 18.49 -27.89 -19.83
C MET C 51 18.49 -28.19 -21.32
N GLY C 52 19.68 -28.19 -21.92
CA GLY C 52 19.81 -28.56 -23.34
C GLY C 52 19.50 -27.44 -24.31
N ALA C 53 19.76 -26.20 -23.91
CA ALA C 53 19.60 -25.04 -24.78
C ALA C 53 20.83 -24.83 -25.68
N HIS C 54 20.63 -24.02 -26.73
CA HIS C 54 21.71 -23.38 -27.48
C HIS C 54 22.07 -22.13 -26.72
N VAL C 55 23.36 -21.92 -26.50
CA VAL C 55 23.79 -20.77 -25.71
C VAL C 55 24.94 -20.04 -26.37
N VAL C 56 24.83 -18.72 -26.46
CA VAL C 56 25.93 -17.87 -26.86
C VAL C 56 26.19 -16.96 -25.67
N VAL C 57 27.37 -17.12 -25.07
CA VAL C 57 27.76 -16.31 -23.92
C VAL C 57 28.71 -15.19 -24.32
N THR C 58 28.61 -14.07 -23.61
CA THR C 58 29.56 -12.97 -23.77
C THR C 58 30.03 -12.37 -22.42
N ALA C 59 31.16 -11.67 -22.47
CA ALA C 59 31.84 -10.96 -21.38
C ALA C 59 33.17 -10.53 -21.99
N ARG C 60 34.02 -9.87 -21.22
CA ARG C 60 35.28 -9.40 -21.78
C ARG C 60 36.33 -10.51 -21.78
N SER C 61 36.23 -11.41 -20.79
CA SER C 61 37.27 -12.39 -20.49
C SER C 61 37.26 -13.56 -21.46
N LYS C 62 37.97 -13.42 -22.56
CA LYS C 62 38.12 -14.45 -23.59
C LYS C 62 38.47 -15.83 -23.03
N GLU C 63 39.46 -15.91 -22.14
CA GLU C 63 39.97 -17.20 -21.70
C GLU C 63 39.02 -17.87 -20.72
N THR C 64 38.36 -17.06 -19.90
CA THR C 64 37.32 -17.55 -19.00
C THR C 64 36.10 -18.05 -19.78
N LEU C 65 35.75 -17.36 -20.87
CA LEU C 65 34.57 -17.70 -21.67
C LEU C 65 34.75 -19.04 -22.37
N GLN C 66 35.93 -19.32 -22.92
CA GLN C 66 36.24 -20.66 -23.46
C GLN C 66 35.97 -21.74 -22.41
N LYS C 67 36.39 -21.51 -21.16
CA LYS C 67 36.17 -22.48 -20.07
C LYS C 67 34.69 -22.70 -19.76
N VAL C 68 33.93 -21.60 -19.74
CA VAL C 68 32.48 -21.65 -19.58
C VAL C 68 31.81 -22.43 -20.71
N VAL C 69 32.28 -22.19 -21.93
CA VAL C 69 31.77 -22.86 -23.12
C VAL C 69 32.03 -24.38 -23.07
N SER C 70 33.25 -24.78 -22.74
CA SER C 70 33.59 -26.21 -22.65
C SER C 70 32.78 -26.94 -21.59
N HIS C 71 32.56 -26.30 -20.46
CA HIS C 71 31.76 -26.91 -19.41
C HIS C 71 30.28 -26.95 -19.77
N CYS C 72 29.81 -26.01 -20.60
CA CYS C 72 28.41 -26.01 -21.03
C CYS C 72 28.14 -27.20 -21.95
N LEU C 73 29.11 -27.49 -22.82
CA LEU C 73 29.09 -28.68 -23.69
C LEU C 73 29.10 -29.95 -22.87
N GLU C 74 30.10 -30.12 -22.01
CA GLU C 74 30.09 -31.18 -20.99
C GLU C 74 28.69 -31.41 -20.45
N LEU C 75 28.03 -30.35 -19.97
CA LEU C 75 26.73 -30.45 -19.26
C LEU C 75 25.55 -30.83 -20.12
N GLY C 76 25.74 -30.76 -21.44
CA GLY C 76 24.66 -31.13 -22.34
C GLY C 76 24.02 -30.05 -23.18
N ALA C 77 24.63 -28.87 -23.28
CA ALA C 77 24.09 -27.83 -24.17
C ALA C 77 23.89 -28.38 -25.58
N ALA C 78 22.82 -27.94 -26.27
CA ALA C 78 22.66 -28.22 -27.70
C ALA C 78 23.85 -27.68 -28.50
N SER C 79 24.32 -26.49 -28.14
CA SER C 79 25.55 -25.93 -28.69
C SER C 79 25.95 -24.77 -27.77
N ALA C 80 27.20 -24.34 -27.85
CA ALA C 80 27.65 -23.27 -27.00
C ALA C 80 28.79 -22.55 -27.65
N HIS C 81 28.73 -21.22 -27.62
CA HIS C 81 29.74 -20.39 -28.23
C HIS C 81 29.92 -19.18 -27.34
N TYR C 82 31.05 -18.51 -27.52
CA TYR C 82 31.28 -17.27 -26.83
C TYR C 82 31.77 -16.24 -27.81
N ILE C 83 31.52 -15.00 -27.46
CA ILE C 83 32.07 -13.86 -28.16
C ILE C 83 32.49 -12.87 -27.09
N ALA C 84 33.77 -12.51 -27.07
CA ALA C 84 34.33 -11.62 -26.08
C ALA C 84 34.25 -10.19 -26.59
N GLY C 85 33.98 -9.24 -25.69
CA GLY C 85 34.08 -7.81 -25.98
C GLY C 85 33.56 -6.99 -24.83
N THR C 86 33.76 -5.68 -24.87
CA THR C 86 33.27 -4.78 -23.84
C THR C 86 31.96 -4.12 -24.26
N MET C 87 31.02 -4.07 -23.32
CA MET C 87 29.71 -3.51 -23.56
C MET C 87 29.74 -1.98 -23.35
N GLU C 88 30.92 -1.43 -23.17
CA GLU C 88 31.09 0.01 -23.28
C GLU C 88 31.06 0.43 -24.76
N ASP C 89 31.25 -0.53 -25.66
CA ASP C 89 31.33 -0.28 -27.12
C ASP C 89 30.00 -0.67 -27.75
N MET C 90 29.21 0.33 -28.15
CA MET C 90 27.87 0.08 -28.68
C MET C 90 27.90 -0.66 -30.00
N THR C 91 28.96 -0.45 -30.79
CA THR C 91 29.12 -1.20 -32.05
C THR C 91 29.33 -2.71 -31.77
N PHE C 92 30.15 -3.02 -30.78
CA PHE C 92 30.27 -4.41 -30.36
C PHE C 92 28.91 -4.97 -29.96
N ALA C 93 28.17 -4.22 -29.15
CA ALA C 93 26.87 -4.70 -28.68
C ALA C 93 26.00 -5.09 -29.86
N GLU C 94 25.93 -4.23 -30.88
CA GLU C 94 25.09 -4.52 -32.05
C GLU C 94 25.63 -5.70 -32.89
N GLN C 95 26.92 -5.69 -33.16
CA GLN C 95 27.52 -6.79 -33.92
C GLN C 95 27.42 -8.13 -33.20
N PHE C 96 27.49 -8.10 -31.88
CA PHE C 96 27.48 -9.33 -31.10
C PHE C 96 26.17 -10.07 -31.32
N VAL C 97 25.09 -9.32 -31.32
CA VAL C 97 23.77 -9.92 -31.42
C VAL C 97 23.54 -10.49 -32.81
N ALA C 98 24.08 -9.82 -33.83
CA ALA C 98 23.99 -10.28 -35.23
C ALA C 98 24.68 -11.62 -35.40
N GLN C 99 25.90 -11.74 -34.85
CA GLN C 99 26.69 -12.98 -34.85
C GLN C 99 26.14 -14.11 -33.93
N ALA C 100 25.55 -13.74 -32.79
CA ALA C 100 24.93 -14.74 -31.91
C ALA C 100 23.76 -15.42 -32.63
N GLY C 101 22.93 -14.61 -33.29
CA GLY C 101 21.84 -15.09 -34.12
C GLY C 101 22.27 -16.01 -35.25
N LYS C 102 23.39 -15.68 -35.88
CA LYS C 102 23.99 -16.50 -36.93
C LYS C 102 24.46 -17.87 -36.44
N LEU C 103 25.09 -17.91 -35.27
CA LEU C 103 25.57 -19.15 -34.63
C LEU C 103 24.45 -20.06 -34.15
N MET C 104 23.31 -19.49 -33.82
CA MET C 104 22.18 -20.26 -33.31
C MET C 104 21.05 -20.56 -34.31
N GLY C 105 20.99 -19.82 -35.39
CA GLY C 105 19.85 -19.87 -36.30
C GLY C 105 18.62 -19.13 -35.78
N GLY C 106 18.81 -18.04 -35.04
CA GLY C 106 17.70 -17.28 -34.41
C GLY C 106 17.96 -16.98 -32.93
N LEU C 107 16.91 -16.57 -32.22
CA LEU C 107 16.99 -16.21 -30.81
C LEU C 107 15.63 -16.33 -30.14
N ASP C 108 15.58 -17.07 -29.02
CA ASP C 108 14.34 -17.19 -28.23
C ASP C 108 14.35 -16.34 -26.98
N MET C 109 15.55 -16.12 -26.42
CA MET C 109 15.64 -15.42 -25.13
C MET C 109 16.92 -14.62 -25.00
N LEU C 110 16.76 -13.38 -24.59
CA LEU C 110 17.89 -12.50 -24.44
C LEU C 110 18.03 -12.15 -22.96
N ILE C 111 19.05 -12.70 -22.30
CA ILE C 111 19.27 -12.46 -20.87
C ILE C 111 20.38 -11.43 -20.70
N LEU C 112 19.97 -10.24 -20.26
CA LEU C 112 20.79 -9.06 -20.16
C LEU C 112 21.19 -8.94 -18.71
N ASN C 113 22.47 -9.13 -18.45
CA ASN C 113 22.90 -9.41 -17.07
C ASN C 113 24.16 -8.65 -16.64
N HIS C 114 25.02 -8.31 -17.59
CA HIS C 114 26.29 -7.63 -17.32
C HIS C 114 26.17 -6.27 -16.63
N ILE C 115 27.22 -5.93 -15.89
CA ILE C 115 27.28 -4.63 -15.23
C ILE C 115 28.71 -4.20 -15.27
N THR C 116 28.96 -2.91 -15.11
CA THR C 116 30.33 -2.47 -14.98
C THR C 116 30.87 -2.58 -13.53
N ASN C 117 32.20 -2.67 -13.43
CA ASN C 117 32.93 -2.72 -12.17
C ASN C 117 32.49 -1.60 -11.26
N THR C 118 32.14 -1.94 -10.03
CA THR C 118 31.64 -0.94 -9.09
C THR C 118 31.99 -1.29 -7.66
N SER C 119 32.19 -0.25 -6.85
CA SER C 119 32.47 -0.40 -5.41
C SER C 119 31.41 0.35 -4.64
N LEU C 120 31.26 0.01 -3.37
CA LEU C 120 30.50 0.88 -2.48
C LEU C 120 31.39 2.07 -2.15
N ASN C 121 30.87 3.27 -2.43
CA ASN C 121 31.61 4.52 -2.29
C ASN C 121 30.63 5.68 -2.18
N LEU C 122 30.96 6.65 -1.34
CA LEU C 122 30.19 7.89 -1.29
C LEU C 122 30.33 8.65 -2.61
N PHE C 123 29.25 9.30 -3.06
CA PHE C 123 29.35 10.11 -4.28
C PHE C 123 29.92 11.49 -3.97
N HIS C 124 31.01 11.81 -4.65
CA HIS C 124 31.62 13.12 -4.49
C HIS C 124 31.57 13.89 -5.83
N ASP C 125 32.51 13.60 -6.72
CA ASP C 125 32.54 14.24 -8.04
C ASP C 125 32.82 13.23 -9.16
N ASP C 126 32.29 12.02 -9.03
CA ASP C 126 32.63 10.96 -9.97
C ASP C 126 31.64 10.84 -11.13
N ILE C 127 31.58 11.90 -11.94
CA ILE C 127 30.78 11.93 -13.16
C ILE C 127 31.15 10.83 -14.14
N HIS C 128 32.44 10.49 -14.21
CA HIS C 128 32.87 9.49 -15.18
C HIS C 128 32.35 8.09 -14.84
N HIS C 129 32.25 7.80 -13.54
CA HIS C 129 31.69 6.56 -13.10
C HIS C 129 30.20 6.52 -13.37
N VAL C 130 29.50 7.63 -13.14
CA VAL C 130 28.07 7.71 -13.42
C VAL C 130 27.79 7.44 -14.90
N ARG C 131 28.57 8.08 -15.77
CA ARG C 131 28.34 8.00 -17.23
C ARG C 131 28.61 6.59 -17.71
N LYS C 132 29.72 6.04 -17.23
CA LYS C 132 30.12 4.69 -17.59
C LYS C 132 29.10 3.66 -17.09
N SER C 133 28.54 3.89 -15.90
CA SER C 133 27.50 3.02 -15.35
C SER C 133 26.29 3.04 -16.24
N MET C 134 25.87 4.23 -16.62
CA MET C 134 24.75 4.39 -17.50
C MET C 134 25.00 3.73 -18.87
N GLU C 135 26.25 3.78 -19.37
CA GLU C 135 26.57 3.25 -20.69
C GLU C 135 26.49 1.74 -20.68
N VAL C 136 27.19 1.11 -19.74
CA VAL C 136 27.35 -0.34 -19.65
C VAL C 136 26.07 -0.96 -19.08
N ASN C 137 25.59 -0.41 -17.96
CA ASN C 137 24.51 -1.03 -17.21
C ASN C 137 23.14 -0.77 -17.83
N PHE C 138 22.99 0.34 -18.56
CA PHE C 138 21.68 0.70 -19.14
C PHE C 138 21.69 0.75 -20.65
N LEU C 139 22.49 1.63 -21.22
CA LEU C 139 22.41 1.88 -22.65
C LEU C 139 22.79 0.67 -23.51
N SER C 140 23.79 -0.10 -23.10
CA SER C 140 24.10 -1.31 -23.84
C SER C 140 22.91 -2.28 -23.85
N TYR C 141 22.07 -2.24 -22.82
CA TYR C 141 20.90 -3.14 -22.77
C TYR C 141 19.89 -2.73 -23.83
N VAL C 142 19.76 -1.43 -24.08
CA VAL C 142 18.82 -0.92 -25.10
C VAL C 142 19.35 -1.30 -26.49
N VAL C 143 20.62 -1.04 -26.75
CA VAL C 143 21.25 -1.44 -28.02
C VAL C 143 21.12 -2.94 -28.30
N LEU C 144 21.32 -3.78 -27.30
CA LEU C 144 21.21 -5.22 -27.51
C LEU C 144 19.76 -5.58 -27.79
N THR C 145 18.83 -4.98 -27.05
CA THR C 145 17.42 -5.22 -27.30
C THR C 145 17.05 -4.87 -28.76
N VAL C 146 17.42 -3.66 -29.20
CA VAL C 146 17.10 -3.20 -30.55
C VAL C 146 17.61 -4.18 -31.59
N ALA C 147 18.83 -4.70 -31.39
CA ALA C 147 19.43 -5.61 -32.34
C ALA C 147 18.78 -6.98 -32.32
N ALA C 148 18.23 -7.36 -31.17
CA ALA C 148 17.68 -8.70 -30.98
C ALA C 148 16.23 -8.75 -31.37
N LEU C 149 15.58 -7.60 -31.47
CA LEU C 149 14.11 -7.58 -31.64
C LEU C 149 13.52 -8.29 -32.88
N PRO C 150 14.02 -8.02 -34.10
CA PRO C 150 13.58 -8.82 -35.27
C PRO C 150 13.53 -10.31 -34.96
N MET C 151 14.61 -10.86 -34.37
CA MET C 151 14.67 -12.30 -34.15
C MET C 151 13.69 -12.75 -33.10
N LEU C 152 13.57 -11.96 -32.04
CA LEU C 152 12.67 -12.32 -30.94
C LEU C 152 11.21 -12.20 -31.34
N LYS C 153 10.95 -11.30 -32.29
CA LYS C 153 9.65 -11.24 -32.98
C LYS C 153 9.43 -12.49 -33.83
N GLN C 154 10.42 -12.90 -34.63
CA GLN C 154 10.34 -14.17 -35.36
C GLN C 154 9.87 -15.27 -34.41
N SER C 155 10.36 -15.26 -33.18
CA SER C 155 10.18 -16.42 -32.30
C SER C 155 9.12 -16.26 -31.21
N ASN C 156 8.51 -15.09 -31.11
CA ASN C 156 7.69 -14.77 -29.94
C ASN C 156 8.49 -14.96 -28.65
N GLY C 157 9.70 -14.41 -28.66
CA GLY C 157 10.68 -14.61 -27.59
C GLY C 157 10.54 -13.72 -26.37
N SER C 158 11.62 -13.69 -25.61
CA SER C 158 11.63 -13.09 -24.29
C SER C 158 12.91 -12.31 -24.02
N ILE C 159 12.72 -11.19 -23.33
CA ILE C 159 13.80 -10.33 -22.84
C ILE C 159 13.87 -10.43 -21.31
N VAL C 160 15.05 -10.75 -20.79
CA VAL C 160 15.21 -10.92 -19.33
C VAL C 160 16.21 -9.88 -18.83
N VAL C 161 15.75 -8.97 -17.98
CA VAL C 161 16.60 -7.87 -17.52
C VAL C 161 16.96 -8.06 -16.07
N VAL C 162 18.25 -8.22 -15.77
CA VAL C 162 18.65 -8.44 -14.37
C VAL C 162 18.87 -7.10 -13.64
N SER C 163 18.12 -6.91 -12.55
CA SER C 163 18.18 -5.69 -11.78
C SER C 163 18.27 -6.03 -10.31
N SER C 164 18.00 -5.05 -9.45
CA SER C 164 18.45 -5.09 -8.08
C SER C 164 17.46 -4.43 -7.14
N LEU C 165 17.61 -4.74 -5.85
CA LEU C 165 16.85 -4.02 -4.84
C LEU C 165 17.20 -2.55 -4.98
N ALA C 166 18.49 -2.26 -5.19
CA ALA C 166 18.98 -0.90 -5.43
C ALA C 166 18.48 -0.28 -6.72
N GLY C 167 17.68 -1.02 -7.48
CA GLY C 167 16.97 -0.47 -8.65
C GLY C 167 15.50 -0.27 -8.40
N LYS C 168 15.10 -0.40 -7.13
CA LYS C 168 13.72 -0.22 -6.69
C LYS C 168 13.65 0.77 -5.54
N VAL C 169 14.74 0.90 -4.81
CA VAL C 169 14.77 1.71 -3.59
C VAL C 169 16.18 2.32 -3.49
N ALA C 170 16.31 3.39 -2.70
CA ALA C 170 17.56 4.11 -2.53
C ALA C 170 18.46 3.46 -1.50
N TYR C 171 19.74 3.31 -1.85
CA TYR C 171 20.75 2.78 -0.97
C TYR C 171 21.94 3.72 -1.05
N PRO C 172 22.47 4.20 0.08
CA PRO C 172 23.68 4.99 -0.02
C PRO C 172 24.80 4.16 -0.62
N MET C 173 25.79 4.86 -1.19
CA MET C 173 27.04 4.28 -1.68
C MET C 173 26.96 3.54 -3.01
N VAL C 174 25.74 3.36 -3.54
CA VAL C 174 25.55 2.69 -4.84
C VAL C 174 24.82 3.62 -5.83
N ALA C 175 25.08 4.93 -5.75
CA ALA C 175 24.25 5.94 -6.43
C ALA C 175 24.23 5.83 -7.96
N ALA C 176 25.41 5.70 -8.59
CA ALA C 176 25.51 5.53 -10.04
C ALA C 176 24.89 4.19 -10.53
N TYR C 177 25.15 3.10 -9.79
CA TYR C 177 24.59 1.79 -10.10
C TYR C 177 23.06 1.84 -10.05
N SER C 178 22.54 2.50 -9.02
CA SER C 178 21.11 2.61 -8.78
C SER C 178 20.41 3.49 -9.83
N ALA C 179 21.09 4.55 -10.25
CA ALA C 179 20.54 5.36 -11.36
C ALA C 179 20.36 4.51 -12.61
N SER C 180 21.32 3.64 -12.91
CA SER C 180 21.30 2.79 -14.11
C SER C 180 20.24 1.66 -14.05
N LYS C 181 20.06 1.09 -12.85
CA LYS C 181 19.04 0.07 -12.57
C LYS C 181 17.62 0.67 -12.52
N PHE C 182 17.45 1.85 -11.96
CA PHE C 182 16.18 2.57 -12.11
C PHE C 182 15.83 2.86 -13.53
N ALA C 183 16.79 3.37 -14.28
CA ALA C 183 16.58 3.65 -15.70
C ALA C 183 16.09 2.42 -16.47
N LEU C 184 16.65 1.24 -16.19
CA LEU C 184 16.19 -0.05 -16.78
C LEU C 184 14.72 -0.30 -16.50
N ASP C 185 14.32 -0.13 -15.24
CA ASP C 185 12.91 -0.31 -14.89
C ASP C 185 12.03 0.61 -15.73
N GLY C 186 12.32 1.92 -15.75
CA GLY C 186 11.48 2.85 -16.54
C GLY C 186 11.51 2.63 -18.02
N PHE C 187 12.69 2.30 -18.56
CA PHE C 187 12.73 2.01 -19.99
C PHE C 187 12.04 0.68 -20.36
N PHE C 188 12.41 -0.43 -19.71
CA PHE C 188 11.78 -1.70 -20.12
C PHE C 188 10.31 -1.86 -19.69
N SER C 189 9.88 -1.17 -18.64
CA SER C 189 8.47 -1.23 -18.23
C SER C 189 7.55 -0.43 -19.16
N SER C 190 8.06 0.70 -19.67
CA SER C 190 7.35 1.47 -20.66
C SER C 190 7.18 0.71 -21.97
N ILE C 191 8.26 0.28 -22.62
CA ILE C 191 8.14 -0.51 -23.84
C ILE C 191 7.32 -1.77 -23.65
N ARG C 192 7.37 -2.36 -22.45
CA ARG C 192 6.50 -3.50 -22.17
C ARG C 192 5.00 -3.17 -22.42
N LYS C 193 4.54 -2.01 -21.98
CA LYS C 193 3.16 -1.57 -22.27
C LYS C 193 2.97 -1.19 -23.74
N GLU C 194 4.03 -0.72 -24.39
CA GLU C 194 3.99 -0.46 -25.82
C GLU C 194 3.78 -1.76 -26.58
N TYR C 195 4.43 -2.84 -26.14
CA TYR C 195 4.31 -4.16 -26.79
C TYR C 195 2.92 -4.81 -26.61
N SER C 196 2.30 -4.62 -25.44
CA SER C 196 0.89 -4.97 -25.27
C SER C 196 0.10 -4.32 -26.41
N VAL C 197 -0.12 -3.01 -26.30
CA VAL C 197 -0.97 -2.27 -27.25
C VAL C 197 -0.71 -2.55 -28.75
N SER C 198 0.57 -2.65 -29.12
CA SER C 198 1.00 -2.92 -30.50
C SER C 198 0.95 -4.41 -30.89
N ARG C 199 0.51 -5.24 -29.95
CA ARG C 199 0.55 -6.71 -30.07
C ARG C 199 1.88 -7.29 -30.58
N VAL C 200 2.97 -6.93 -29.89
CA VAL C 200 4.29 -7.55 -30.11
C VAL C 200 4.41 -8.63 -29.04
N ASN C 201 4.57 -9.88 -29.46
CA ASN C 201 4.53 -10.98 -28.50
C ASN C 201 5.93 -11.31 -27.95
N VAL C 202 6.64 -10.27 -27.50
CA VAL C 202 7.92 -10.42 -26.81
C VAL C 202 7.67 -10.07 -25.34
N SER C 203 7.86 -11.03 -24.44
CA SER C 203 7.74 -10.76 -23.01
C SER C 203 8.96 -10.00 -22.46
N ILE C 204 8.76 -9.27 -21.38
CA ILE C 204 9.84 -8.56 -20.73
C ILE C 204 9.81 -8.86 -19.25
N THR C 205 10.85 -9.54 -18.78
CA THR C 205 11.01 -9.88 -17.37
C THR C 205 12.07 -9.01 -16.70
N LEU C 206 11.70 -8.30 -15.63
CA LEU C 206 12.64 -7.60 -14.79
C LEU C 206 12.86 -8.36 -13.50
N CYS C 207 14.10 -8.73 -13.25
CA CYS C 207 14.46 -9.48 -12.07
C CYS C 207 15.02 -8.52 -11.08
N VAL C 208 14.42 -8.46 -9.90
CA VAL C 208 14.88 -7.62 -8.83
C VAL C 208 15.57 -8.54 -7.84
N LEU C 209 16.86 -8.33 -7.60
CA LEU C 209 17.65 -9.23 -6.74
C LEU C 209 18.24 -8.54 -5.50
N GLY C 210 18.24 -9.26 -4.38
CA GLY C 210 18.94 -8.82 -3.19
C GLY C 210 20.35 -9.35 -3.21
N LEU C 211 21.02 -9.33 -2.07
CA LEU C 211 22.41 -9.76 -2.02
C LEU C 211 22.50 -11.22 -2.41
N ILE C 212 23.42 -11.53 -3.33
CA ILE C 212 23.64 -12.88 -3.84
C ILE C 212 25.11 -13.18 -3.61
N ASP C 213 25.44 -14.42 -3.29
CA ASP C 213 26.79 -14.80 -2.85
C ASP C 213 27.85 -14.92 -3.97
N THR C 214 27.89 -13.95 -4.87
CA THR C 214 28.90 -13.95 -5.92
C THR C 214 30.20 -13.39 -5.36
N GLU C 215 31.32 -13.89 -5.88
CA GLU C 215 32.66 -13.44 -5.52
C GLU C 215 32.79 -11.91 -5.57
N THR C 216 32.26 -11.31 -6.62
CA THR C 216 32.36 -9.87 -6.81
C THR C 216 31.59 -9.06 -5.75
N ALA C 217 30.36 -9.48 -5.45
CA ALA C 217 29.53 -8.78 -4.50
C ALA C 217 30.03 -8.98 -3.07
N MET C 218 30.47 -10.20 -2.74
CA MET C 218 30.94 -10.53 -1.38
C MET C 218 32.16 -9.73 -0.99
N LYS C 219 33.04 -9.46 -1.96
CA LYS C 219 34.18 -8.59 -1.72
C LYS C 219 33.76 -7.13 -1.58
N ALA C 220 32.87 -6.66 -2.46
CA ALA C 220 32.47 -5.25 -2.52
C ALA C 220 31.68 -4.78 -1.31
N VAL C 221 30.87 -5.67 -0.75
CA VAL C 221 30.12 -5.36 0.46
C VAL C 221 30.99 -5.50 1.72
N MET C 227 23.63 -8.22 6.22
CA MET C 227 23.73 -8.63 4.82
C MET C 227 23.75 -10.16 4.64
N GLN C 228 22.58 -10.76 4.44
CA GLN C 228 22.53 -12.21 4.21
C GLN C 228 22.52 -12.57 2.72
N ALA C 229 23.59 -13.24 2.28
CA ALA C 229 23.76 -13.60 0.87
C ALA C 229 22.96 -14.85 0.46
N ALA C 230 22.10 -14.71 -0.54
CA ALA C 230 21.39 -15.85 -1.11
C ALA C 230 22.30 -16.63 -2.10
N PRO C 231 21.99 -17.91 -2.39
CA PRO C 231 22.81 -18.72 -3.31
C PRO C 231 22.76 -18.31 -4.80
N LYS C 232 23.92 -18.17 -5.44
CA LYS C 232 23.99 -17.78 -6.86
C LYS C 232 23.35 -18.80 -7.83
N GLU C 233 23.67 -20.09 -7.64
CA GLU C 233 23.08 -21.17 -8.43
C GLU C 233 21.54 -21.16 -8.44
N GLU C 234 20.95 -20.96 -7.27
CA GLU C 234 19.49 -20.93 -7.13
C GLU C 234 18.90 -19.63 -7.67
N CYS C 235 19.67 -18.54 -7.53
CA CYS C 235 19.32 -17.23 -8.12
C CYS C 235 19.21 -17.33 -9.62
N ALA C 236 20.25 -17.88 -10.24
CA ALA C 236 20.31 -18.08 -11.70
C ALA C 236 19.08 -18.83 -12.25
N LEU C 237 18.71 -19.94 -11.60
CA LEU C 237 17.52 -20.72 -12.00
C LEU C 237 16.22 -19.92 -11.87
N GLU C 238 16.10 -19.19 -10.80
CA GLU C 238 14.92 -18.36 -10.63
C GLU C 238 14.80 -17.28 -11.71
N ILE C 239 15.93 -16.77 -12.21
CA ILE C 239 15.87 -15.77 -13.29
C ILE C 239 15.35 -16.43 -14.57
N ILE C 240 15.93 -17.59 -14.89
CA ILE C 240 15.52 -18.40 -16.02
C ILE C 240 14.05 -18.77 -15.99
N LYS C 241 13.57 -19.22 -14.81
CA LYS C 241 12.16 -19.59 -14.58
C LYS C 241 11.21 -18.45 -14.92
N GLY C 242 11.44 -17.28 -14.33
CA GLY C 242 10.64 -16.09 -14.62
C GLY C 242 10.66 -15.76 -16.10
N GLY C 243 11.82 -15.82 -16.71
CA GLY C 243 11.93 -15.60 -18.15
C GLY C 243 11.15 -16.62 -18.97
N ALA C 244 11.31 -17.89 -18.61
CA ALA C 244 10.55 -19.00 -19.24
C ALA C 244 9.02 -18.91 -19.03
N LEU C 245 8.57 -18.46 -17.88
CA LEU C 245 7.12 -18.31 -17.62
C LEU C 245 6.56 -16.97 -18.08
N ARG C 246 7.41 -16.18 -18.72
CA ARG C 246 7.02 -14.86 -19.25
C ARG C 246 6.48 -13.86 -18.20
N GLN C 247 6.93 -14.00 -16.95
CA GLN C 247 6.55 -13.09 -15.87
C GLN C 247 7.10 -11.67 -16.06
N GLU C 248 6.39 -10.67 -15.53
CA GLU C 248 6.81 -9.28 -15.68
C GLU C 248 7.98 -8.92 -14.77
N GLU C 249 7.96 -9.43 -13.54
CA GLU C 249 8.99 -9.15 -12.57
C GLU C 249 9.26 -10.42 -11.82
N VAL C 250 10.50 -10.57 -11.38
CA VAL C 250 10.93 -11.72 -10.63
C VAL C 250 11.67 -11.14 -9.42
N TYR C 251 11.48 -11.74 -8.24
CA TYR C 251 12.05 -11.23 -7.00
C TYR C 251 12.86 -12.31 -6.33
N TYR C 252 14.03 -11.98 -5.82
CA TYR C 252 14.89 -12.99 -5.22
C TYR C 252 15.83 -12.43 -4.17
N ASP C 253 15.57 -12.81 -2.93
CA ASP C 253 16.34 -12.40 -1.76
C ASP C 253 16.43 -13.58 -0.80
N SER C 254 17.52 -13.63 -0.04
CA SER C 254 17.68 -14.60 1.06
C SER C 254 16.57 -14.52 2.12
N SER C 255 15.79 -13.44 2.12
CA SER C 255 14.67 -13.27 3.04
C SER C 255 13.33 -13.13 2.31
N LEU C 256 12.43 -14.07 2.59
CA LEU C 256 11.04 -14.04 2.12
C LEU C 256 10.31 -12.72 2.45
N TRP C 257 10.69 -12.06 3.55
CA TRP C 257 10.10 -10.77 3.94
C TRP C 257 10.44 -9.68 2.93
N THR C 258 11.72 -9.58 2.61
CA THR C 258 12.18 -8.64 1.59
C THR C 258 11.41 -8.84 0.28
N THR C 259 11.20 -10.09 -0.12
CA THR C 259 10.59 -10.38 -1.42
C THR C 259 9.09 -10.03 -1.47
N LEU C 260 8.40 -10.15 -0.34
CA LEU C 260 7.01 -9.72 -0.22
C LEU C 260 6.86 -8.20 -0.42
N LEU C 261 7.84 -7.47 0.07
CA LEU C 261 7.78 -6.01 0.12
C LEU C 261 8.18 -5.33 -1.19
N ILE C 262 8.93 -6.05 -2.01
CA ILE C 262 9.45 -5.47 -3.25
C ILE C 262 8.33 -5.20 -4.25
N ARG C 263 7.28 -6.01 -4.19
CA ARG C 263 6.08 -5.76 -4.99
C ARG C 263 5.56 -4.35 -4.70
N ASN C 264 4.96 -3.74 -5.71
CA ASN C 264 4.35 -2.42 -5.57
C ASN C 264 2.96 -2.42 -6.19
N PRO C 265 1.94 -2.82 -5.39
CA PRO C 265 0.52 -2.78 -5.79
C PRO C 265 0.05 -1.39 -6.23
N SER C 266 0.49 -0.34 -5.54
CA SER C 266 0.10 1.03 -5.85
C SER C 266 0.49 1.46 -7.24
N ARG C 267 1.70 1.06 -7.65
CA ARG C 267 2.19 1.30 -9.00
C ARG C 267 1.30 0.57 -10.02
N LYS C 268 0.97 -0.68 -9.71
CA LYS C 268 0.03 -1.46 -10.53
C LYS C 268 -1.33 -0.70 -10.67
N ILE C 269 -1.90 -0.22 -9.57
CA ILE C 269 -3.16 0.54 -9.65
C ILE C 269 -3.03 1.74 -10.61
N LEU C 270 -1.99 2.56 -10.42
CA LEU C 270 -1.79 3.79 -11.20
C LEU C 270 -1.59 3.51 -12.69
N GLU C 271 -0.85 2.45 -13.01
CA GLU C 271 -0.73 2.00 -14.39
C GLU C 271 -2.07 1.50 -14.92
N PHE C 272 -2.79 0.77 -14.06
CA PHE C 272 -4.15 0.29 -14.33
C PHE C 272 -5.05 1.52 -14.60
N LEU C 273 -5.01 2.50 -13.70
CA LEU C 273 -5.69 3.79 -13.86
C LEU C 273 -5.40 4.48 -15.19
N TYR C 274 -4.19 5.04 -15.30
CA TYR C 274 -3.78 5.86 -16.45
C TYR C 274 -3.90 5.17 -17.81
N SER C 275 -4.18 3.87 -17.77
CA SER C 275 -4.37 3.04 -18.97
C SER C 275 -5.50 3.52 -19.88
N THR C 276 -6.37 4.40 -19.36
CA THR C 276 -7.52 4.92 -20.12
C THR C 276 -7.27 6.35 -20.65
N GLU D 20 5.94 25.69 8.18
CA GLU D 20 5.01 26.22 7.12
C GLU D 20 5.63 27.35 6.28
N PHE D 21 5.10 27.54 5.08
CA PHE D 21 5.76 28.34 4.05
C PHE D 21 5.31 29.80 3.99
N ARG D 22 6.30 30.68 3.80
CA ARG D 22 6.09 32.12 3.58
C ARG D 22 7.07 32.66 2.52
N PRO D 23 6.57 33.47 1.56
CA PRO D 23 7.40 34.13 0.53
C PRO D 23 8.64 34.87 1.04
N GLU D 24 8.66 35.20 2.34
CA GLU D 24 9.85 35.71 3.03
C GLU D 24 11.06 34.82 2.77
N MET D 25 10.83 33.51 2.85
CA MET D 25 11.89 32.49 2.81
C MET D 25 12.85 32.62 1.63
N LEU D 26 12.36 33.17 0.52
CA LEU D 26 13.17 33.29 -0.70
C LEU D 26 13.70 34.70 -1.00
N GLN D 27 13.25 35.69 -0.23
CA GLN D 27 13.77 37.06 -0.32
C GLN D 27 15.26 37.06 -0.04
N GLY D 28 16.05 37.44 -1.05
CA GLY D 28 17.51 37.53 -0.93
C GLY D 28 18.27 36.25 -1.18
N LYS D 29 17.56 35.17 -1.51
CA LYS D 29 18.22 33.89 -1.77
C LYS D 29 18.75 33.84 -3.19
N LYS D 30 19.93 33.23 -3.33
CA LYS D 30 20.60 33.05 -4.63
C LYS D 30 20.17 31.72 -5.28
N VAL D 31 19.41 31.83 -6.37
CA VAL D 31 18.81 30.67 -7.04
C VAL D 31 19.13 30.54 -8.54
N ILE D 32 19.53 29.32 -8.94
CA ILE D 32 19.62 28.95 -10.35
C ILE D 32 18.34 28.24 -10.77
N VAL D 33 17.82 28.60 -11.94
CA VAL D 33 16.72 27.86 -12.56
C VAL D 33 17.17 27.43 -13.95
N THR D 34 17.25 26.12 -14.21
CA THR D 34 17.56 25.65 -15.57
C THR D 34 16.25 25.49 -16.35
N GLY D 35 16.35 25.34 -17.66
CA GLY D 35 15.18 25.28 -18.53
C GLY D 35 14.15 26.34 -18.18
N ALA D 36 14.61 27.58 -18.07
CA ALA D 36 13.80 28.68 -17.52
C ALA D 36 13.30 29.65 -18.58
N SER D 37 13.31 29.22 -19.84
CA SER D 37 12.92 30.09 -20.94
C SER D 37 11.52 29.81 -21.47
N LYS D 38 10.82 28.85 -20.85
CA LYS D 38 9.46 28.48 -21.20
C LYS D 38 8.81 27.69 -20.04
N GLY D 39 7.49 27.50 -20.11
CA GLY D 39 6.74 26.64 -19.19
C GLY D 39 7.06 26.75 -17.72
N ILE D 40 7.05 25.62 -17.02
CA ILE D 40 7.20 25.61 -15.56
C ILE D 40 8.46 26.35 -15.07
N GLY D 41 9.55 26.21 -15.83
CA GLY D 41 10.80 26.87 -15.51
C GLY D 41 10.70 28.39 -15.48
N ARG D 42 10.12 28.95 -16.53
CA ARG D 42 9.92 30.39 -16.62
C ARG D 42 9.10 30.90 -15.45
N GLU D 43 8.00 30.21 -15.17
CA GLU D 43 7.07 30.56 -14.09
C GLU D 43 7.76 30.52 -12.74
N MET D 44 8.72 29.62 -12.61
CA MET D 44 9.50 29.53 -11.39
C MET D 44 10.37 30.77 -11.18
N ALA D 45 10.96 31.28 -12.25
CA ALA D 45 11.77 32.51 -12.18
C ALA D 45 10.88 33.68 -11.76
N TYR D 46 9.71 33.80 -12.40
CA TYR D 46 8.77 34.85 -12.05
C TYR D 46 8.39 34.81 -10.57
N HIS D 47 7.91 33.67 -10.08
CA HIS D 47 7.62 33.53 -8.66
C HIS D 47 8.81 33.95 -7.79
N LEU D 48 9.99 33.48 -8.16
CA LEU D 48 11.21 33.85 -7.46
C LEU D 48 11.50 35.36 -7.56
N ALA D 49 11.06 35.99 -8.65
CA ALA D 49 11.22 37.44 -8.84
C ALA D 49 10.28 38.23 -7.93
N LYS D 50 8.99 37.87 -7.94
CA LYS D 50 8.00 38.44 -7.01
C LYS D 50 8.34 38.20 -5.55
N MET D 51 9.19 37.22 -5.27
CA MET D 51 9.65 36.97 -3.91
C MET D 51 10.91 37.74 -3.58
N GLY D 52 11.47 38.43 -4.57
CA GLY D 52 12.68 39.23 -4.40
C GLY D 52 13.99 38.45 -4.31
N ALA D 53 14.08 37.36 -5.06
CA ALA D 53 15.29 36.52 -5.05
C ALA D 53 16.27 36.93 -6.14
N HIS D 54 17.55 36.65 -5.91
CA HIS D 54 18.57 36.66 -6.96
C HIS D 54 18.34 35.46 -7.90
N VAL D 55 18.09 35.72 -9.17
CA VAL D 55 17.91 34.62 -10.12
C VAL D 55 19.00 34.63 -11.19
N VAL D 56 19.54 33.46 -11.49
CA VAL D 56 20.27 33.23 -12.74
C VAL D 56 19.46 32.15 -13.48
N VAL D 57 19.10 32.44 -14.73
CA VAL D 57 18.28 31.53 -15.53
C VAL D 57 19.04 31.10 -16.79
N THR D 58 18.83 29.87 -17.23
CA THR D 58 19.57 29.34 -18.37
C THR D 58 18.68 28.56 -19.32
N ALA D 59 19.19 28.38 -20.53
CA ALA D 59 18.49 27.77 -21.66
C ALA D 59 19.35 28.02 -22.89
N ARG D 60 18.85 27.64 -24.06
CA ARG D 60 19.62 27.75 -25.30
C ARG D 60 19.49 29.12 -25.99
N GLU D 63 18.19 35.33 -25.48
CA GLU D 63 17.10 35.78 -26.34
C GLU D 63 15.75 35.87 -25.63
N THR D 64 15.12 34.73 -25.40
CA THR D 64 13.89 34.68 -24.59
C THR D 64 14.26 34.81 -23.11
N LEU D 65 15.49 34.37 -22.78
CA LEU D 65 16.05 34.58 -21.46
C LEU D 65 16.19 36.07 -21.12
N GLN D 66 16.57 36.88 -22.12
CA GLN D 66 16.62 38.34 -21.98
C GLN D 66 15.23 38.92 -21.65
N LYS D 67 14.20 38.47 -22.37
CA LYS D 67 12.80 38.78 -22.06
C LYS D 67 12.46 38.38 -20.62
N VAL D 68 12.94 37.21 -20.21
CA VAL D 68 12.66 36.65 -18.89
C VAL D 68 13.41 37.44 -17.81
N VAL D 69 14.69 37.74 -18.07
CA VAL D 69 15.54 38.51 -17.14
C VAL D 69 15.01 39.94 -16.88
N SER D 70 14.48 40.58 -17.92
CA SER D 70 13.88 41.92 -17.79
C SER D 70 12.58 41.91 -17.00
N HIS D 71 11.69 40.98 -17.34
CA HIS D 71 10.41 40.82 -16.65
C HIS D 71 10.61 40.50 -15.18
N CYS D 72 11.75 39.87 -14.87
CA CYS D 72 12.14 39.55 -13.50
C CYS D 72 12.46 40.81 -12.72
N LEU D 73 13.01 41.80 -13.42
CA LEU D 73 13.32 43.10 -12.83
C LEU D 73 12.06 43.91 -12.58
N GLU D 74 11.15 43.95 -13.56
CA GLU D 74 9.82 44.56 -13.40
C GLU D 74 9.07 44.04 -12.17
N LEU D 75 9.29 42.77 -11.83
CA LEU D 75 8.64 42.12 -10.68
C LEU D 75 9.48 42.26 -9.39
N GLY D 76 10.65 42.87 -9.50
CA GLY D 76 11.43 43.25 -8.34
C GLY D 76 12.26 42.15 -7.73
N ALA D 77 13.11 41.54 -8.56
CA ALA D 77 14.11 40.57 -8.12
C ALA D 77 15.35 41.33 -7.67
N ALA D 78 16.01 40.82 -6.62
CA ALA D 78 17.22 41.45 -6.07
C ALA D 78 18.29 41.59 -7.15
N SER D 79 18.35 40.58 -8.03
CA SER D 79 19.08 40.65 -9.30
C SER D 79 18.50 39.61 -10.27
N ALA D 80 18.81 39.79 -11.55
CA ALA D 80 18.30 38.93 -12.59
C ALA D 80 19.29 38.90 -13.75
N HIS D 81 19.90 37.73 -13.96
CA HIS D 81 20.91 37.48 -14.99
C HIS D 81 20.57 36.23 -15.80
N TYR D 82 21.14 36.12 -17.00
CA TYR D 82 21.04 34.91 -17.81
C TYR D 82 22.41 34.49 -18.35
N ILE D 83 22.52 33.19 -18.66
CA ILE D 83 23.67 32.62 -19.38
C ILE D 83 23.10 31.55 -20.32
N ALA D 84 23.21 31.80 -21.62
CA ALA D 84 22.61 30.88 -22.59
C ALA D 84 23.58 29.78 -23.00
N GLY D 85 23.05 28.55 -23.12
CA GLY D 85 23.82 27.39 -23.56
C GLY D 85 23.00 26.13 -23.74
N THR D 86 23.64 25.07 -24.23
CA THR D 86 22.99 23.77 -24.38
C THR D 86 23.56 22.81 -23.33
N MET D 87 22.64 22.24 -22.53
CA MET D 87 23.02 21.26 -21.49
C MET D 87 23.45 19.89 -22.04
N GLU D 88 23.50 19.78 -23.36
CA GLU D 88 24.17 18.68 -24.04
C GLU D 88 25.67 18.71 -23.80
N ASP D 89 26.17 19.93 -23.55
CA ASP D 89 27.57 20.21 -23.33
C ASP D 89 27.86 20.25 -21.84
N MET D 90 28.52 19.19 -21.36
CA MET D 90 28.82 19.07 -19.94
C MET D 90 29.87 20.10 -19.49
N THR D 91 30.70 20.56 -20.42
CA THR D 91 31.67 21.63 -20.10
C THR D 91 30.89 22.91 -19.85
N PHE D 92 29.94 23.22 -20.72
CA PHE D 92 29.07 24.36 -20.50
C PHE D 92 28.41 24.29 -19.13
N ALA D 93 27.78 23.15 -18.83
CA ALA D 93 27.06 22.94 -17.56
C ALA D 93 27.91 23.27 -16.33
N GLU D 94 29.12 22.75 -16.30
CA GLU D 94 30.04 22.96 -15.17
C GLU D 94 30.51 24.43 -15.08
N GLN D 95 30.72 25.05 -16.25
CA GLN D 95 31.11 26.45 -16.39
C GLN D 95 29.96 27.39 -16.05
N PHE D 96 28.76 27.12 -16.58
CA PHE D 96 27.60 27.92 -16.23
C PHE D 96 27.38 28.10 -14.71
N VAL D 97 27.61 27.04 -13.93
CA VAL D 97 27.36 27.09 -12.48
C VAL D 97 28.42 27.92 -11.73
N ALA D 98 29.69 27.70 -12.09
CA ALA D 98 30.79 28.54 -11.58
C ALA D 98 30.52 30.03 -11.90
N GLN D 99 30.28 30.34 -13.17
CA GLN D 99 29.82 31.65 -13.61
C GLN D 99 28.66 32.19 -12.77
N ALA D 100 27.57 31.43 -12.69
CA ALA D 100 26.38 31.86 -11.97
C ALA D 100 26.68 32.07 -10.49
N GLY D 101 27.47 31.16 -9.91
CA GLY D 101 27.94 31.29 -8.52
C GLY D 101 28.79 32.54 -8.27
N LYS D 102 29.55 32.95 -9.29
CA LYS D 102 30.35 34.18 -9.26
C LYS D 102 29.45 35.42 -9.27
N LEU D 103 28.55 35.47 -10.26
CA LEU D 103 27.57 36.57 -10.40
C LEU D 103 26.74 36.89 -9.14
N MET D 104 26.42 35.88 -8.34
CA MET D 104 25.58 36.07 -7.14
C MET D 104 26.41 35.98 -5.84
N GLY D 105 27.65 35.50 -5.97
CA GLY D 105 28.53 35.30 -4.82
C GLY D 105 28.10 34.16 -3.91
N GLY D 106 27.58 33.09 -4.52
CA GLY D 106 27.02 31.95 -3.78
C GLY D 106 25.71 31.43 -4.35
N LEU D 107 25.16 30.40 -3.71
CA LEU D 107 23.98 29.69 -4.21
C LEU D 107 23.22 29.04 -3.06
N ASP D 108 21.90 29.25 -3.04
CA ASP D 108 21.02 28.70 -1.99
C ASP D 108 20.16 27.56 -2.52
N MET D 109 19.72 27.68 -3.77
CA MET D 109 18.84 26.72 -4.38
C MET D 109 19.26 26.48 -5.83
N LEU D 110 19.42 25.21 -6.19
CA LEU D 110 19.68 24.80 -7.56
C LEU D 110 18.43 24.09 -8.04
N ILE D 111 17.70 24.72 -8.95
CA ILE D 111 16.49 24.13 -9.50
C ILE D 111 16.77 23.56 -10.89
N LEU D 112 16.65 22.24 -11.00
CA LEU D 112 16.95 21.53 -12.23
C LEU D 112 15.65 21.14 -12.93
N ASN D 113 15.39 21.72 -14.09
CA ASN D 113 14.07 21.68 -14.71
C ASN D 113 14.12 21.36 -16.21
N HIS D 114 15.21 21.73 -16.88
CA HIS D 114 15.36 21.51 -18.32
C HIS D 114 15.24 20.05 -18.74
N ILE D 115 14.64 19.82 -19.90
CA ILE D 115 14.61 18.51 -20.53
C ILE D 115 14.85 18.67 -22.02
N THR D 116 15.30 17.60 -22.69
CA THR D 116 15.51 17.63 -24.13
C THR D 116 14.18 17.49 -24.84
N ASN D 117 14.09 18.01 -26.06
CA ASN D 117 12.81 17.99 -26.78
C ASN D 117 12.34 16.56 -27.09
N THR D 118 11.10 16.27 -26.73
CA THR D 118 10.55 14.90 -26.83
C THR D 118 9.13 14.89 -27.42
N SER D 119 8.76 13.74 -27.99
CA SER D 119 7.50 13.52 -28.66
C SER D 119 6.91 12.24 -28.13
N LEU D 120 5.60 12.07 -28.30
CA LEU D 120 4.97 10.80 -28.01
C LEU D 120 5.16 9.87 -29.20
N ASN D 121 5.64 8.67 -28.92
CA ASN D 121 6.08 7.73 -29.94
C ASN D 121 6.41 6.39 -29.33
N LEU D 122 6.00 5.33 -30.00
CA LEU D 122 6.46 3.99 -29.69
C LEU D 122 7.97 3.88 -29.98
N PHE D 123 8.73 3.33 -29.04
CA PHE D 123 10.16 3.13 -29.27
C PHE D 123 10.32 2.02 -30.29
N HIS D 124 11.17 2.27 -31.28
CA HIS D 124 11.50 1.26 -32.28
C HIS D 124 13.02 1.01 -32.35
N ASP D 125 13.77 1.98 -32.88
CA ASP D 125 15.21 1.80 -32.99
C ASP D 125 15.96 3.13 -32.83
N ASP D 126 15.41 3.97 -31.95
CA ASP D 126 15.91 5.34 -31.78
C ASP D 126 16.80 5.45 -30.54
N ILE D 127 17.96 4.80 -30.63
CA ILE D 127 18.96 4.77 -29.56
C ILE D 127 19.55 6.15 -29.33
N HIS D 128 19.67 6.93 -30.39
CA HIS D 128 20.22 8.29 -30.29
C HIS D 128 19.35 9.15 -29.37
N HIS D 129 18.04 9.01 -29.49
CA HIS D 129 17.13 9.77 -28.62
C HIS D 129 17.24 9.31 -27.16
N VAL D 130 17.34 8.00 -26.97
CA VAL D 130 17.52 7.45 -25.63
C VAL D 130 18.79 8.05 -25.04
N ARG D 131 19.84 8.09 -25.85
CA ARG D 131 21.13 8.61 -25.41
C ARG D 131 21.06 10.13 -25.10
N LYS D 132 20.38 10.88 -25.96
CA LYS D 132 20.28 12.33 -25.81
C LYS D 132 19.51 12.66 -24.53
N SER D 133 18.37 11.98 -24.36
CA SER D 133 17.52 12.11 -23.16
C SER D 133 18.33 11.86 -21.90
N MET D 134 19.05 10.75 -21.87
CA MET D 134 19.89 10.44 -20.73
C MET D 134 20.94 11.52 -20.43
N GLU D 135 21.55 12.10 -21.48
CA GLU D 135 22.57 13.17 -21.32
C GLU D 135 21.99 14.50 -20.81
N VAL D 136 20.98 15.01 -21.49
CA VAL D 136 20.33 16.26 -21.11
C VAL D 136 19.47 16.16 -19.82
N ASN D 137 18.66 15.12 -19.70
CA ASN D 137 17.68 15.01 -18.63
C ASN D 137 18.26 14.48 -17.35
N PHE D 138 19.37 13.77 -17.44
CA PHE D 138 19.90 13.16 -16.23
C PHE D 138 21.35 13.49 -16.00
N LEU D 139 22.22 13.22 -16.98
CA LEU D 139 23.65 13.38 -16.74
C LEU D 139 24.03 14.82 -16.47
N SER D 140 23.42 15.75 -17.22
CA SER D 140 23.63 17.18 -16.98
C SER D 140 23.22 17.58 -15.57
N TYR D 141 22.13 17.01 -15.04
CA TYR D 141 21.69 17.37 -13.66
C TYR D 141 22.71 16.99 -12.61
N VAL D 142 23.38 15.86 -12.82
CA VAL D 142 24.51 15.40 -11.99
C VAL D 142 25.74 16.32 -12.15
N VAL D 143 25.98 16.80 -13.37
CA VAL D 143 27.10 17.73 -13.62
C VAL D 143 26.85 19.06 -12.90
N LEU D 144 25.66 19.62 -13.10
CA LEU D 144 25.27 20.83 -12.38
C LEU D 144 25.37 20.68 -10.84
N THR D 145 24.99 19.53 -10.30
CA THR D 145 24.98 19.32 -8.85
C THR D 145 26.40 19.21 -8.31
N VAL D 146 27.28 18.58 -9.06
CA VAL D 146 28.66 18.40 -8.62
C VAL D 146 29.32 19.78 -8.52
N ALA D 147 29.06 20.62 -9.52
CA ALA D 147 29.60 21.98 -9.59
C ALA D 147 28.97 22.88 -8.54
N ALA D 148 27.75 22.56 -8.12
CA ALA D 148 27.00 23.39 -7.18
C ALA D 148 27.26 23.02 -5.72
N LEU D 149 27.71 21.79 -5.50
CA LEU D 149 27.85 21.23 -4.16
C LEU D 149 28.67 22.03 -3.12
N PRO D 150 29.87 22.55 -3.48
CA PRO D 150 30.59 23.45 -2.52
C PRO D 150 29.79 24.68 -2.05
N MET D 151 29.15 25.38 -2.98
CA MET D 151 28.35 26.55 -2.63
C MET D 151 27.14 26.16 -1.79
N LEU D 152 26.36 25.18 -2.24
CA LEU D 152 25.19 24.71 -1.49
C LEU D 152 25.52 24.21 -0.08
N LYS D 153 26.69 23.60 0.08
CA LYS D 153 27.22 23.23 1.40
C LYS D 153 27.42 24.47 2.29
N GLN D 154 28.12 25.49 1.75
CA GLN D 154 28.30 26.75 2.48
C GLN D 154 26.98 27.36 2.98
N SER D 155 25.96 27.41 2.11
CA SER D 155 24.71 28.07 2.47
C SER D 155 23.63 27.16 3.03
N ASN D 156 24.00 25.94 3.45
CA ASN D 156 23.03 24.89 3.84
C ASN D 156 21.80 24.85 2.91
N GLY D 157 22.05 24.78 1.61
CA GLY D 157 21.02 24.93 0.59
C GLY D 157 20.16 23.73 0.20
N SER D 158 19.61 23.82 -1.01
CA SER D 158 18.61 22.88 -1.50
C SER D 158 18.90 22.55 -2.95
N ILE D 159 18.70 21.28 -3.32
CA ILE D 159 18.68 20.88 -4.72
C ILE D 159 17.25 20.48 -5.05
N VAL D 160 16.70 21.04 -6.12
CA VAL D 160 15.35 20.69 -6.49
C VAL D 160 15.37 20.04 -7.86
N VAL D 161 14.97 18.77 -7.91
CA VAL D 161 14.93 18.02 -9.18
C VAL D 161 13.49 17.87 -9.65
N VAL D 162 13.20 18.35 -10.85
CA VAL D 162 11.86 18.19 -11.38
C VAL D 162 11.74 16.88 -12.17
N SER D 163 10.80 16.04 -11.70
CA SER D 163 10.48 14.76 -12.34
C SER D 163 8.97 14.65 -12.63
N SER D 164 8.47 13.42 -12.84
CA SER D 164 7.17 13.19 -13.45
C SER D 164 6.49 11.87 -13.03
N LEU D 165 5.20 11.74 -13.31
CA LEU D 165 4.46 10.47 -13.16
C LEU D 165 5.26 9.33 -13.81
N ALA D 166 5.69 9.58 -15.06
CA ALA D 166 6.56 8.67 -15.81
C ALA D 166 7.92 8.32 -15.14
N GLY D 167 8.28 9.05 -14.08
CA GLY D 167 9.48 8.72 -13.30
C GLY D 167 9.20 7.86 -12.07
N LYS D 168 7.96 7.41 -11.93
CA LYS D 168 7.53 6.65 -10.77
C LYS D 168 6.76 5.42 -11.24
N VAL D 169 6.10 5.55 -12.39
CA VAL D 169 5.32 4.44 -12.96
C VAL D 169 5.63 4.31 -14.43
N ALA D 170 5.46 3.09 -14.95
CA ALA D 170 5.62 2.84 -16.38
C ALA D 170 4.52 3.52 -17.16
N TYR D 171 4.88 4.09 -18.31
CA TYR D 171 3.94 4.80 -19.15
C TYR D 171 4.39 4.63 -20.60
N PRO D 172 3.51 4.08 -21.45
CA PRO D 172 3.86 3.87 -22.87
C PRO D 172 4.14 5.18 -23.58
N MET D 173 4.93 5.15 -24.65
CA MET D 173 5.11 6.31 -25.54
C MET D 173 6.20 7.33 -25.13
N VAL D 174 6.75 7.16 -23.93
CA VAL D 174 7.73 8.08 -23.36
C VAL D 174 8.89 7.28 -22.72
N ALA D 175 9.31 6.21 -23.39
CA ALA D 175 10.28 5.25 -22.85
C ALA D 175 11.60 5.90 -22.45
N ALA D 176 12.14 6.67 -23.38
CA ALA D 176 13.43 7.37 -23.19
C ALA D 176 13.40 8.36 -22.05
N TYR D 177 12.35 9.18 -22.05
CA TYR D 177 12.06 10.18 -21.06
C TYR D 177 11.94 9.56 -19.65
N SER D 178 11.06 8.56 -19.59
CA SER D 178 10.81 7.74 -18.42
C SER D 178 12.10 7.14 -17.85
N ALA D 179 12.95 6.57 -18.69
CA ALA D 179 14.26 6.06 -18.25
C ALA D 179 15.09 7.15 -17.53
N SER D 180 15.12 8.33 -18.14
CA SER D 180 15.94 9.44 -17.61
C SER D 180 15.33 9.95 -16.30
N LYS D 181 14.00 10.01 -16.21
CA LYS D 181 13.27 10.44 -14.97
C LYS D 181 13.39 9.47 -13.81
N PHE D 182 13.26 8.18 -14.14
CA PHE D 182 13.51 7.10 -13.22
C PHE D 182 14.95 7.16 -12.73
N ALA D 183 15.89 7.42 -13.65
CA ALA D 183 17.30 7.54 -13.25
C ALA D 183 17.56 8.68 -12.27
N LEU D 184 16.86 9.80 -12.43
CA LEU D 184 16.94 10.92 -11.46
C LEU D 184 16.54 10.50 -10.04
N ASP D 185 15.49 9.68 -9.94
CA ASP D 185 14.99 9.18 -8.67
C ASP D 185 16.05 8.27 -8.06
N GLY D 186 16.52 7.28 -8.81
CA GLY D 186 17.56 6.40 -8.26
C GLY D 186 18.77 7.17 -7.76
N PHE D 187 19.30 8.06 -8.60
CA PHE D 187 20.50 8.83 -8.26
C PHE D 187 20.27 9.79 -7.10
N PHE D 188 19.28 10.67 -7.20
CA PHE D 188 19.17 11.66 -6.15
C PHE D 188 18.69 11.12 -4.78
N SER D 189 17.89 10.06 -4.78
CA SER D 189 17.40 9.53 -3.51
C SER D 189 18.54 8.78 -2.84
N SER D 190 19.47 8.27 -3.65
CA SER D 190 20.59 7.55 -3.11
C SER D 190 21.55 8.52 -2.46
N ILE D 191 21.87 9.63 -3.14
CA ILE D 191 22.73 10.64 -2.52
C ILE D 191 22.04 11.37 -1.33
N ARG D 192 20.74 11.66 -1.45
CA ARG D 192 20.00 12.14 -0.29
C ARG D 192 20.37 11.36 0.97
N LYS D 193 20.35 10.03 0.89
CA LYS D 193 20.72 9.13 2.00
C LYS D 193 22.22 9.10 2.33
N GLU D 194 23.06 9.38 1.34
CA GLU D 194 24.47 9.58 1.60
C GLU D 194 24.67 10.87 2.39
N TYR D 195 23.93 11.92 2.03
CA TYR D 195 24.07 13.21 2.70
C TYR D 195 23.70 13.12 4.18
N SER D 196 22.62 12.39 4.48
CA SER D 196 22.20 12.14 5.85
C SER D 196 23.24 11.38 6.67
N VAL D 197 23.69 10.22 6.19
CA VAL D 197 24.66 9.45 6.97
C VAL D 197 26.01 10.13 7.07
N SER D 198 26.30 11.06 6.16
CA SER D 198 27.56 11.81 6.21
C SER D 198 27.37 13.25 6.72
N ARG D 199 26.13 13.55 7.11
CA ARG D 199 25.76 14.85 7.69
C ARG D 199 26.29 16.00 6.81
N VAL D 200 25.78 16.03 5.58
CA VAL D 200 25.93 17.16 4.65
C VAL D 200 24.55 17.80 4.68
N ASN D 201 24.51 19.09 4.97
CA ASN D 201 23.25 19.77 5.29
C ASN D 201 22.64 20.46 4.08
N VAL D 202 22.51 19.66 3.01
CA VAL D 202 21.94 20.10 1.74
C VAL D 202 20.75 19.21 1.49
N SER D 203 19.60 19.80 1.21
CA SER D 203 18.37 19.06 1.02
C SER D 203 18.13 18.68 -0.43
N ILE D 204 17.39 17.59 -0.66
CA ILE D 204 17.02 17.16 -2.00
C ILE D 204 15.52 16.89 -2.12
N THR D 205 14.92 17.62 -3.04
CA THR D 205 13.51 17.60 -3.32
C THR D 205 13.24 17.06 -4.72
N LEU D 206 12.60 15.89 -4.79
CA LEU D 206 12.15 15.33 -6.05
C LEU D 206 10.70 15.68 -6.25
N CYS D 207 10.42 16.45 -7.30
CA CYS D 207 9.05 16.83 -7.63
C CYS D 207 8.47 15.93 -8.66
N VAL D 208 7.41 15.22 -8.29
CA VAL D 208 6.70 14.33 -9.21
C VAL D 208 5.47 15.03 -9.78
N LEU D 209 5.54 15.44 -11.03
CA LEU D 209 4.43 16.13 -11.65
C LEU D 209 3.60 15.26 -12.57
N GLY D 210 2.29 15.40 -12.40
CA GLY D 210 1.34 14.91 -13.39
C GLY D 210 1.39 15.88 -14.54
N LEU D 211 0.45 15.71 -15.46
CA LEU D 211 0.32 16.54 -16.64
C LEU D 211 0.00 17.99 -16.28
N ILE D 212 0.78 18.90 -16.86
CA ILE D 212 0.68 20.37 -16.61
C ILE D 212 0.39 21.02 -17.97
N ASP D 213 -0.41 22.10 -17.96
CA ASP D 213 -0.86 22.78 -19.20
C ASP D 213 0.19 23.68 -19.85
N THR D 214 1.42 23.19 -19.87
CA THR D 214 2.58 23.84 -20.46
C THR D 214 2.44 23.80 -21.99
N GLU D 215 2.98 24.83 -22.66
CA GLU D 215 2.89 24.94 -24.12
C GLU D 215 3.54 23.78 -24.92
N THR D 216 4.65 23.25 -24.44
CA THR D 216 5.26 22.06 -25.06
C THR D 216 4.47 20.79 -24.77
N ALA D 217 4.05 20.62 -23.52
CA ALA D 217 3.35 19.42 -23.09
C ALA D 217 1.97 19.28 -23.71
N MET D 218 1.23 20.40 -23.83
CA MET D 218 -0.09 20.39 -24.46
C MET D 218 -0.04 20.07 -25.95
N LYS D 219 0.95 20.63 -26.62
CA LYS D 219 1.16 20.33 -28.03
C LYS D 219 1.63 18.89 -28.20
N ALA D 220 2.46 18.41 -27.27
CA ALA D 220 3.00 17.06 -27.37
C ALA D 220 1.95 15.97 -27.14
N VAL D 221 1.04 16.19 -26.20
CA VAL D 221 0.11 15.15 -25.77
C VAL D 221 -1.37 15.31 -26.19
N SER D 222 -1.69 16.36 -26.94
CA SER D 222 -3.09 16.55 -27.40
C SER D 222 -3.51 15.46 -28.39
N GLY D 223 -4.72 14.94 -28.18
CA GLY D 223 -5.28 13.88 -29.00
C GLY D 223 -4.77 12.48 -28.64
N ILE D 224 -3.84 12.44 -27.70
CA ILE D 224 -3.16 11.19 -27.35
C ILE D 224 -3.39 10.82 -25.89
N VAL D 225 -3.02 11.70 -24.97
CA VAL D 225 -3.38 11.51 -23.56
C VAL D 225 -4.67 12.28 -23.24
N HIS D 226 -5.66 11.55 -22.74
CA HIS D 226 -6.97 12.10 -22.42
C HIS D 226 -6.95 12.40 -20.93
N MET D 227 -6.34 13.52 -20.56
CA MET D 227 -6.08 13.81 -19.16
C MET D 227 -6.30 15.28 -18.86
N GLN D 228 -6.76 15.55 -17.64
CA GLN D 228 -6.93 16.92 -17.14
C GLN D 228 -5.56 17.53 -16.80
N ALA D 229 -5.28 18.69 -17.40
CA ALA D 229 -4.02 19.40 -17.18
C ALA D 229 -4.10 20.40 -16.02
N ALA D 230 -3.15 20.33 -15.10
CA ALA D 230 -3.00 21.33 -14.06
C ALA D 230 -2.38 22.60 -14.66
N PRO D 231 -2.44 23.77 -13.95
CA PRO D 231 -1.89 25.03 -14.48
C PRO D 231 -0.40 25.31 -14.18
N LYS D 232 0.29 25.94 -15.13
CA LYS D 232 1.71 26.31 -15.00
C LYS D 232 2.04 27.03 -13.70
N GLU D 233 1.21 28.05 -13.40
CA GLU D 233 1.40 28.98 -12.27
C GLU D 233 1.60 28.29 -10.92
N GLU D 234 0.59 27.53 -10.48
CA GLU D 234 0.65 26.89 -9.15
C GLU D 234 1.74 25.82 -9.06
N CYS D 235 2.00 25.15 -10.19
CA CYS D 235 3.00 24.08 -10.24
C CYS D 235 4.36 24.59 -9.82
N ALA D 236 4.77 25.69 -10.44
CA ALA D 236 6.03 26.36 -10.12
C ALA D 236 6.13 26.71 -8.63
N LEU D 237 5.03 27.26 -8.10
CA LEU D 237 4.99 27.69 -6.70
C LEU D 237 5.08 26.50 -5.74
N GLU D 238 4.30 25.45 -6.02
CA GLU D 238 4.38 24.21 -5.25
C GLU D 238 5.77 23.60 -5.34
N ILE D 239 6.38 23.67 -6.53
CA ILE D 239 7.78 23.26 -6.69
C ILE D 239 8.65 24.05 -5.72
N ILE D 240 8.56 25.37 -5.78
CA ILE D 240 9.35 26.28 -4.95
C ILE D 240 9.12 26.05 -3.46
N LYS D 241 7.85 25.90 -3.07
CA LYS D 241 7.50 25.69 -1.67
C LYS D 241 8.15 24.44 -1.16
N GLY D 242 8.00 23.36 -1.92
CA GLY D 242 8.57 22.07 -1.55
C GLY D 242 10.05 22.17 -1.22
N GLY D 243 10.77 22.87 -2.10
CA GLY D 243 12.21 23.08 -1.95
C GLY D 243 12.59 24.06 -0.87
N ALA D 244 11.78 25.12 -0.73
CA ALA D 244 11.89 26.04 0.41
C ALA D 244 11.72 25.26 1.73
N LEU D 245 10.70 24.39 1.74
CA LEU D 245 10.37 23.59 2.93
C LEU D 245 11.23 22.35 3.15
N ARG D 246 12.17 22.09 2.23
CA ARG D 246 13.13 20.97 2.33
C ARG D 246 12.46 19.60 2.38
N GLN D 247 11.34 19.48 1.66
CA GLN D 247 10.57 18.25 1.58
C GLN D 247 11.31 17.25 0.68
N GLU D 248 11.21 15.97 1.01
CA GLU D 248 11.87 14.89 0.25
C GLU D 248 11.29 14.71 -1.13
N GLU D 249 9.96 14.67 -1.23
CA GLU D 249 9.27 14.60 -2.51
C GLU D 249 8.10 15.56 -2.53
N VAL D 250 7.69 15.99 -3.72
CA VAL D 250 6.58 16.92 -3.88
C VAL D 250 5.74 16.42 -5.04
N TYR D 251 4.50 16.04 -4.76
CA TYR D 251 3.59 15.57 -5.81
C TYR D 251 2.68 16.71 -6.20
N TYR D 252 2.37 16.78 -7.50
CA TYR D 252 1.48 17.79 -8.02
C TYR D 252 0.86 17.30 -9.31
N ASP D 253 -0.47 17.22 -9.31
CA ASP D 253 -1.26 16.75 -10.45
C ASP D 253 -2.67 17.33 -10.26
N SER D 254 -3.42 17.43 -11.36
CA SER D 254 -4.85 17.78 -11.31
C SER D 254 -5.62 16.96 -10.30
N SER D 255 -5.30 15.66 -10.27
CA SER D 255 -6.04 14.67 -9.52
C SER D 255 -5.68 14.68 -8.02
N LEU D 256 -6.63 15.10 -7.19
CA LEU D 256 -6.53 14.99 -5.73
C LEU D 256 -6.35 13.50 -5.39
N TRP D 257 -7.28 12.71 -5.92
CA TRP D 257 -7.23 11.26 -6.08
C TRP D 257 -5.78 10.74 -6.04
N THR D 258 -5.17 10.68 -7.23
CA THR D 258 -3.84 10.12 -7.50
C THR D 258 -2.81 10.14 -6.35
N THR D 259 -2.51 11.33 -5.86
CA THR D 259 -1.34 11.61 -5.01
C THR D 259 -1.17 10.81 -3.71
N LEU D 260 -2.18 10.04 -3.33
CA LEU D 260 -2.10 9.19 -2.11
C LEU D 260 -1.43 7.85 -2.41
N LEU D 261 -1.42 7.49 -3.70
CA LEU D 261 -0.83 6.24 -4.17
C LEU D 261 0.66 6.33 -4.50
N ILE D 262 1.17 7.53 -4.75
CA ILE D 262 2.55 7.67 -5.16
C ILE D 262 3.51 7.31 -4.03
N ARG D 263 3.17 7.72 -2.81
CA ARG D 263 3.97 7.36 -1.63
C ARG D 263 4.07 5.83 -1.52
N ASN D 264 5.29 5.35 -1.32
CA ASN D 264 5.55 3.92 -1.28
C ASN D 264 6.17 3.49 0.04
N PRO D 265 5.31 3.02 0.97
CA PRO D 265 5.71 2.58 2.32
C PRO D 265 6.65 1.37 2.30
N SER D 266 6.39 0.43 1.38
CA SER D 266 7.28 -0.73 1.20
C SER D 266 8.69 -0.35 0.76
N ARG D 267 8.82 0.73 0.01
CA ARG D 267 10.12 1.35 -0.25
C ARG D 267 10.70 1.92 1.05
N LYS D 268 9.91 2.73 1.75
CA LYS D 268 10.34 3.27 3.06
C LYS D 268 10.86 2.18 4.00
N ILE D 269 10.07 1.10 4.12
CA ILE D 269 10.40 -0.02 5.00
C ILE D 269 11.72 -0.68 4.63
N LEU D 270 11.89 -0.95 3.34
CA LEU D 270 13.09 -1.61 2.84
C LEU D 270 14.33 -0.74 3.00
N GLU D 271 14.15 0.56 2.81
CA GLU D 271 15.28 1.49 2.99
C GLU D 271 15.73 1.50 4.45
N PHE D 272 14.78 1.23 5.34
CA PHE D 272 15.04 1.05 6.77
C PHE D 272 15.84 -0.23 7.09
N LEU D 273 16.38 -0.92 6.07
CA LEU D 273 17.62 -1.69 6.30
C LEU D 273 18.80 -0.68 6.21
N TYR D 274 18.46 0.51 6.69
CA TYR D 274 19.35 1.52 7.24
C TYR D 274 19.97 0.85 8.48
N SER D 275 21.06 0.12 8.22
CA SER D 275 21.76 -0.72 9.21
C SER D 275 23.07 -1.25 8.61
PA NAP E . -33.06 -6.62 1.76
O1A NAP E . -33.62 -6.45 0.40
O2A NAP E . -33.53 -5.63 2.77
O5B NAP E . -33.30 -8.08 2.39
C5B NAP E . -32.94 -8.32 3.72
C4B NAP E . -33.44 -9.73 4.10
O4B NAP E . -33.16 -10.05 5.49
C3B NAP E . -34.94 -9.76 3.92
O3B NAP E . -35.30 -11.02 3.48
C2B NAP E . -35.49 -9.56 5.32
O2B NAP E . -36.76 -10.19 5.40
C1B NAP E . -34.39 -10.21 6.18
N9A NAP E . -34.45 -9.73 7.58
C8A NAP E . -34.64 -8.47 8.11
N7A NAP E . -34.69 -8.55 9.46
C5A NAP E . -34.50 -9.84 9.82
C6A NAP E . -34.45 -10.51 11.05
N6A NAP E . -34.58 -9.91 12.25
N1A NAP E . -34.32 -11.88 11.03
C2A NAP E . -34.19 -12.58 9.87
N3A NAP E . -34.21 -11.93 8.66
C4A NAP E . -34.38 -10.58 8.64
O3 NAP E . -31.46 -6.70 1.70
PN NAP E . -30.32 -6.53 0.61
O1N NAP E . -30.59 -7.58 -0.34
O2N NAP E . -30.19 -5.06 0.28
O5D NAP E . -29.04 -6.95 1.53
C5D NAP E . -28.55 -8.27 1.48
C4D NAP E . -27.12 -8.32 2.05
O4D NAP E . -26.22 -7.66 1.19
C3D NAP E . -26.98 -7.66 3.40
O3D NAP E . -26.15 -8.50 4.17
C2D NAP E . -26.28 -6.36 3.12
O2D NAP E . -25.43 -5.97 4.18
C1D NAP E . -25.49 -6.68 1.88
N1N NAP E . -25.25 -5.47 1.07
C2N NAP E . -26.23 -4.95 0.25
C3N NAP E . -25.94 -3.79 -0.50
C7N NAP E . -27.07 -3.02 -1.18
O7N NAP E . -26.82 -1.70 -1.60
N7N NAP E . -28.26 -3.61 -1.32
C4N NAP E . -24.71 -3.18 -0.39
C5N NAP E . -23.73 -3.71 0.46
C6N NAP E . -24.02 -4.87 1.17
P2B NAP E . -37.83 -9.98 6.58
O1X NAP E . -39.10 -10.61 6.15
O2X NAP E . -37.40 -10.68 7.87
O3X NAP E . -38.01 -8.51 6.92
F3 A21 F . -23.21 0.29 -0.79
C2 A21 F . -22.97 1.44 -0.21
F4 A21 F . -21.72 1.81 -0.51
F1 A21 F . -23.80 2.37 -0.66
C8 A21 F . -23.21 1.29 1.29
C13 A21 F . -22.50 0.07 1.88
O2 A21 F . -21.30 0.02 1.97
N2 A21 F . -23.34 -0.88 2.26
C4 A21 F . -22.84 2.57 2.01
S1 A21 F . -24.94 0.95 1.49
C11 A21 F . -24.56 -0.54 2.20
N3 A21 F . -25.49 -1.35 2.72
C1 A21 F . -26.93 -1.14 2.74
C3 A21 F . -27.65 -2.48 2.95
C6 A21 F . -27.35 -0.13 3.75
C18 A21 F . -28.34 0.80 3.38
F2 A21 F . -28.88 0.71 2.15
C22 A21 F . -26.77 -0.05 5.03
C21 A21 F . -27.18 0.94 5.91
C9 A21 F . -28.19 1.84 5.54
C19 A21 F . -28.77 1.78 4.26
PA NAP G . -5.07 -5.50 31.06
O1A NAP G . -3.76 -5.28 31.65
O2A NAP G . -5.60 -6.88 31.12
O5B NAP G . -6.12 -4.43 31.56
C5B NAP G . -7.49 -4.57 31.26
C4B NAP G . -8.15 -3.51 32.18
O4B NAP G . -9.57 -3.56 31.99
C3B NAP G . -7.89 -3.77 33.67
O3B NAP G . -7.92 -2.52 34.37
C2B NAP G . -9.12 -4.60 34.06
O2B NAP G . -9.35 -4.48 35.45
C1B NAP G . -10.21 -3.94 33.20
N9A NAP G . -11.41 -4.82 32.99
C8A NAP G . -11.51 -6.17 32.72
N7A NAP G . -12.82 -6.48 32.66
C5A NAP G . -13.56 -5.36 32.87
C6A NAP G . -14.92 -5.08 32.95
N6A NAP G . -15.87 -5.99 32.76
N1A NAP G . -15.34 -3.80 33.22
C2A NAP G . -14.45 -2.77 33.42
N3A NAP G . -13.11 -3.08 33.35
C4A NAP G . -12.68 -4.33 33.11
O3 NAP G . -4.93 -5.12 29.48
PN NAP G . -3.84 -4.36 28.60
O1N NAP G . -3.35 -3.20 29.34
O2N NAP G . -2.96 -5.40 28.03
O5D NAP G . -4.81 -3.80 27.34
C5D NAP G . -5.17 -2.42 27.29
C4D NAP G . -5.70 -2.00 25.89
O4D NAP G . -4.71 -2.10 24.89
C3D NAP G . -6.85 -2.91 25.49
O3D NAP G . -7.87 -2.18 24.90
C2D NAP G . -6.23 -3.83 24.49
O2D NAP G . -7.19 -4.34 23.63
C1D NAP G . -5.14 -2.98 23.87
N1N NAP G . -4.06 -3.81 23.37
C2N NAP G . -3.17 -4.40 24.25
C3N NAP G . -2.15 -5.21 23.76
C7N NAP G . -1.12 -5.87 24.70
O7N NAP G . -0.23 -6.77 24.14
N7N NAP G . -1.09 -5.62 26.01
C4N NAP G . -2.04 -5.41 22.40
C5N NAP G . -2.95 -4.83 21.50
C6N NAP G . -3.94 -4.00 22.02
P2B NAP G . -10.37 -5.35 36.33
O1X NAP G . -9.97 -5.03 37.73
O2X NAP G . -11.77 -4.86 36.13
O3X NAP G . -10.28 -6.82 36.05
F3 A21 H . 0.11 -10.01 19.86
C2 A21 H . -0.73 -9.14 19.32
F4 A21 H . -0.43 -7.94 19.77
F1 A21 H . -0.56 -9.11 18.01
C8 A21 H . -2.18 -9.52 19.65
C13 A21 H . -3.13 -8.44 19.19
O2 A21 H . -3.20 -8.10 18.03
N2 A21 H . -3.83 -7.95 20.19
C4 A21 H . -2.54 -10.86 18.98
S1 A21 H . -2.43 -9.70 21.39
C11 A21 H . -3.62 -8.52 21.31
N3 A21 H . -4.31 -8.20 22.41
C1 A21 H . -4.11 -8.82 23.71
C3 A21 H . -4.69 -7.93 24.80
C6 A21 H . -4.74 -10.15 23.82
C18 A21 H . -4.17 -11.13 24.64
F2 A21 H . -3.04 -10.88 25.33
C22 A21 H . -5.89 -10.43 23.12
C21 A21 H . -6.48 -11.68 23.23
C9 A21 H . -5.93 -12.65 24.04
C19 A21 H . -4.77 -12.38 24.75
PA NAP I . 29.68 -10.37 -11.47
O1A NAP I . 30.07 -11.64 -10.85
O2A NAP I . 30.66 -9.29 -11.24
O5B NAP I . 29.58 -10.57 -13.05
C5B NAP I . 29.32 -9.48 -13.93
C4B NAP I . 29.58 -9.94 -15.35
O4B NAP I . 29.65 -8.83 -16.22
C3B NAP I . 30.91 -10.68 -15.47
O3B NAP I . 30.83 -11.74 -16.39
C2B NAP I . 31.80 -9.67 -16.14
O2B NAP I . 32.74 -10.42 -16.87
C1B NAP I . 30.82 -8.89 -17.01
N9A NAP I . 31.30 -7.54 -17.36
C8A NAP I . 31.86 -6.62 -16.51
N7A NAP I . 32.15 -5.49 -17.21
C5A NAP I . 31.80 -5.68 -18.50
C6A NAP I . 31.88 -4.88 -19.63
N6A NAP I . 32.40 -3.64 -19.59
N1A NAP I . 31.42 -5.36 -20.84
C2A NAP I . 30.88 -6.62 -20.91
N3A NAP I . 30.83 -7.41 -19.80
C4A NAP I . 31.26 -6.96 -18.61
O3 NAP I . 28.24 -9.89 -10.97
PN NAP I . 26.98 -10.66 -10.37
O1N NAP I . 26.93 -12.01 -10.95
O2N NAP I . 26.93 -10.50 -8.91
O5D NAP I . 25.77 -9.76 -10.97
C5D NAP I . 25.05 -10.20 -12.09
C4D NAP I . 23.79 -9.36 -12.22
O4D NAP I . 22.96 -9.50 -11.07
C3D NAP I . 24.09 -7.88 -12.39
O3D NAP I . 23.28 -7.32 -13.42
C2D NAP I . 23.70 -7.33 -11.03
O2D NAP I . 23.36 -5.98 -11.08
C1D NAP I . 22.59 -8.25 -10.53
N1N NAP I . 22.57 -8.24 -9.03
C2N NAP I . 23.57 -8.91 -8.32
C3N NAP I . 23.59 -8.88 -6.93
C7N NAP I . 24.68 -9.51 -6.13
O7N NAP I . 24.61 -9.34 -4.74
N7N NAP I . 25.68 -10.21 -6.67
C4N NAP I . 22.60 -8.16 -6.28
C5N NAP I . 21.60 -7.49 -6.99
C6N NAP I . 21.61 -7.53 -8.37
P2B NAP I . 34.08 -9.81 -17.46
O1X NAP I . 34.70 -11.07 -17.97
O2X NAP I . 33.87 -8.84 -18.61
O3X NAP I . 34.92 -9.16 -16.42
F3 A21 J . 22.82 -5.68 -1.32
C2 A21 J . 21.94 -5.44 -2.27
F4 A21 J . 21.64 -6.56 -2.92
F1 A21 J . 20.83 -4.98 -1.72
C8 A21 J . 22.54 -4.39 -3.19
C13 A21 J . 21.62 -4.09 -4.35
O2 A21 J . 20.44 -3.73 -4.17
N2 A21 J . 22.21 -4.27 -5.54
C4 A21 J . 22.85 -3.15 -2.37
S1 A21 J . 24.05 -4.97 -3.91
C11 A21 J . 23.41 -4.68 -5.46
N3 A21 J . 24.14 -4.89 -6.58
C1 A21 J . 25.55 -5.35 -6.54
C3 A21 J . 25.99 -6.07 -7.81
C6 A21 J . 26.51 -4.23 -6.23
C18 A21 J . 27.65 -4.53 -5.49
F2 A21 J . 27.87 -5.79 -5.09
C22 A21 J . 26.26 -2.91 -6.64
C21 A21 J . 27.17 -1.91 -6.34
C9 A21 J . 28.33 -2.22 -5.59
C19 A21 J . 28.56 -3.52 -5.16
PA NAP K . 9.24 23.15 -21.50
O1A NAP K . 8.10 24.07 -21.36
O2A NAP K . 9.43 22.64 -22.88
O5B NAP K . 10.62 23.83 -21.03
C5B NAP K . 11.80 23.11 -21.25
C4B NAP K . 12.97 24.06 -21.08
O4B NAP K . 14.19 23.37 -21.28
C3B NAP K . 12.92 25.20 -22.10
O3B NAP K . 13.29 26.37 -21.45
C2B NAP K . 14.05 24.91 -23.02
O2B NAP K . 14.61 26.13 -23.41
C1B NAP K . 15.03 24.10 -22.15
N9A NAP K . 15.90 23.24 -22.98
C8A NAP K . 15.53 22.41 -24.01
N7A NAP K . 16.64 21.80 -24.50
C5A NAP K . 17.70 22.22 -23.78
C6A NAP K . 19.04 21.91 -23.86
N6A NAP K . 19.47 21.05 -24.79
N1A NAP K . 19.93 22.52 -22.99
C2A NAP K . 19.48 23.40 -22.05
N3A NAP K . 18.13 23.69 -21.96
C4A NAP K . 17.26 23.12 -22.83
O3 NAP K . 9.02 21.94 -20.43
PN NAP K . 8.06 21.90 -19.16
O1N NAP K . 8.06 23.24 -18.53
O2N NAP K . 6.83 21.26 -19.64
O5D NAP K . 8.76 20.89 -18.12
C5D NAP K . 9.74 21.28 -17.19
C4D NAP K . 9.96 20.14 -16.23
O4D NAP K . 8.70 19.66 -15.76
C3D NAP K . 10.68 18.97 -16.89
O3D NAP K . 11.67 18.40 -16.06
C2D NAP K . 9.58 17.96 -17.06
O2D NAP K . 10.13 16.67 -17.10
C1D NAP K . 8.65 18.26 -15.90
N1N NAP K . 7.29 17.78 -16.21
C2N NAP K . 6.43 18.53 -16.95
C3N NAP K . 5.17 18.03 -17.25
C7N NAP K . 4.23 18.82 -18.11
O7N NAP K . 2.96 18.32 -18.42
N7N NAP K . 4.64 19.99 -18.58
C4N NAP K . 4.80 16.76 -16.81
C5N NAP K . 5.68 15.98 -16.06
C6N NAP K . 6.93 16.53 -15.76
P2B NAP K . 15.32 26.23 -24.85
O1X NAP K . 15.29 27.68 -25.25
O2X NAP K . 16.72 25.73 -24.69
O3X NAP K . 14.54 25.44 -25.88
F3 A21 L . 2.32 13.89 -16.99
C2 A21 L . 1.99 13.01 -17.91
F4 A21 L . 1.45 11.97 -17.29
F1 A21 L . 1.14 13.54 -18.79
C8 A21 L . 3.25 12.54 -18.62
C13 A21 L . 4.39 12.39 -17.64
O2 A21 L . 4.43 11.52 -16.76
N2 A21 L . 5.31 13.30 -17.83
C4 A21 L . 2.98 11.27 -19.41
S1 A21 L . 3.72 13.84 -19.70
C11 A21 L . 5.17 14.00 -18.88
N3 A21 L . 6.14 14.82 -19.32
C1 A21 L . 5.98 15.63 -20.51
C3 A21 L . 6.91 16.83 -20.42
C6 A21 L . 6.26 14.90 -21.77
C18 A21 L . 5.53 15.21 -22.91
F2 A21 L . 4.57 16.14 -22.84
C22 A21 L . 7.25 13.93 -21.85
C21 A21 L . 7.50 13.28 -23.05
C9 A21 L . 6.77 13.61 -24.20
C19 A21 L . 5.78 14.57 -24.12
#